data_7E2Y
#
_entry.id   7E2Y
#
loop_
_entity.id
_entity.type
_entity.pdbx_description
1 polymer 'Guanine nucleotide-binding protein G(i) subunit alpha-1'
2 polymer 'Guanine nucleotide-binding protein G(I)/G(S)/G(T) subunit beta-1'
3 polymer 'Guanine nucleotide-binding protein G(I)/G(S)/G(O) subunit gamma-2'
4 polymer 'Soluble cytochrome b562,5-hydroxytryptamine receptor 1A'
5 non-polymer SEROTONIN
6 non-polymer '[(2R)-1-[oxidanyl-[(2R,3R,5S,6R)-2,3,5,6-tetrakis(oxidanyl)-4-phosphonooxy-cyclohexyl]oxy-phosphoryl]oxy-3-tetradecanoyloxy-propan-2-yl] (5E,8E)-hexadeca-5,8,11,14-tetraenoate'
7 non-polymer CHOLESTEROL
#
loop_
_entity_poly.entity_id
_entity_poly.type
_entity_poly.pdbx_seq_one_letter_code
_entity_poly.pdbx_strand_id
1 'polypeptide(L)'
;MGCTLSAEDKAAVERSKMIDRNLREDGEKAAREVKLLLLGAGESGKNTIVKQMKIIHEAGYSEEECKQYKAVVYSNTIQS
IIAIIRAMGRLKIDFGDSARADDARQLFVLAGAAEEGFMTAELAGVIKRLWKDSGVQACFNRSREYQLNDSAAYYLNDLD
RIAQPNYIPTQQDVLRTRVKTTGIVETHFTFKDLHFKMFDVGAQRSERKKWIHCFEGVTAIIFCVALSDYDLVLAEDEEM
NRMHASMKLFDSICNNKWFTDTSIILFLNKKDLFEEKIKKSPLTICYPEYAGSNTYEEAAAYIQCQFEDLNKRKDTKEIY
THFTCSTDTKNVQFVFDAVTDVIIKNNLKDCGLF
;
A
2 'polypeptide(L)'
;MGSLLQSELDQLRQEAEQLKNQIRDARKACADATLSQITNNIDPVGRIQMRTRRTLRGHLAKIYAMHWGTDSRLLVSASQ
DGKLIIWDSYTTNKVHAIPLRSSWVMTCAYAPSGNYVACGGLDNICSIYNLKTREGNVRVSRELAGHTGYLSCCRFLDDN
QIVTSSGDTTCALWDIETGQQTTTFTGHTGDVMSLSLAPDTRLFVSGACDASAKLWDVREGMCRQTFTGHESDINAICFF
PNGNAFATGSDDATCRLFDLRADQELMTYSHDNIICGITSVSFSKSGRLLLAGYDDFNCNVWDALKADRAGVLAGHDNRV
SCLGVTDDGMAVATGSWDSFLKIWN
;
B
3 'polypeptide(L)' MASNNTASIAQARKLVEQLKMEANIDRIKVSKAAADLMAYCEAHAKEDPLLTPVPASENPFREKKFFCAIL G
4 'polypeptide(L)'
;DYKDDDDAKLQTMHHHHHHHHHHHHHHHADLEDNWETLNDNLKVIEKADNAAQVKDALTKMRAAALDAQKATPPKLEDKS
PDSPEMKDFRHGFDILVGQIDDALKLANEGKVKEAQAAAEQLKTTRNAYIQKYLASENLYFQGGTTTGISDVTVSYQVIT
SLLLGTLIFCAVLGNACVVAAIALERSLQNVANYLIGSLAVTDLMVSVLVLPMAALYQVLNKWTLGQVTCDLFIALDVLC
CTSSIWHLCAIALDRYWAITDPIDYVNKRTPRRAAALISLTWLIGFLISIPPMLGWRTPEDRSDPDACTISKDHGYTIYS
TFGAFYIPLLLMLVLYGRIFRAARFRIRKTVKKVEKTGADTRHGASPAPQPKKSVNGESGSRNWRLGVESKAGGALCANG
AVRQGDDGAALEVIEVHRVGNSKEHLPLPSEAGPTPCAPASFERKNERNAEAKRKMALARERKTVKTLGIIMGTFILCWL
PFFIVALVLPFCESSCHMPTLLGAIINWLGYSNSLLNPVIYAYFNKDFQNAFKKIIKCKFCRQ
;
R
#
# COMPACT_ATOMS: atom_id res chain seq x y z
N THR A 4 -30.05 9.40 20.83
CA THR A 4 -29.84 9.71 19.38
C THR A 4 -30.34 11.12 19.06
N LEU A 5 -31.35 11.58 19.81
CA LEU A 5 -31.94 12.89 19.61
C LEU A 5 -31.12 13.94 20.36
N SER A 6 -29.90 14.17 19.86
CA SER A 6 -28.97 15.13 20.44
C SER A 6 -28.50 16.09 19.35
N ALA A 7 -28.60 17.38 19.63
CA ALA A 7 -28.15 18.39 18.66
C ALA A 7 -26.62 18.41 18.56
N GLU A 8 -25.94 18.23 19.69
CA GLU A 8 -24.47 18.23 19.66
C GLU A 8 -23.94 17.06 18.85
N ASP A 9 -24.61 15.90 18.93
CA ASP A 9 -24.20 14.77 18.11
C ASP A 9 -24.36 15.09 16.63
N LYS A 10 -25.47 15.74 16.26
CA LYS A 10 -25.66 16.11 14.86
C LYS A 10 -24.60 17.10 14.40
N ALA A 11 -24.27 18.07 15.25
CA ALA A 11 -23.22 19.02 14.90
C ALA A 11 -21.87 18.32 14.71
N ALA A 12 -21.55 17.38 15.61
CA ALA A 12 -20.30 16.63 15.47
C ALA A 12 -20.28 15.81 14.19
N VAL A 13 -21.42 15.19 13.84
CA VAL A 13 -21.49 14.42 12.61
C VAL A 13 -21.31 15.32 11.39
N GLU A 14 -21.91 16.51 11.43
CA GLU A 14 -21.74 17.45 10.33
C GLU A 14 -20.28 17.89 10.20
N ARG A 15 -19.64 18.17 11.32
CA ARG A 15 -18.22 18.54 11.28
C ARG A 15 -17.37 17.40 10.72
N SER A 16 -17.66 16.17 11.13
CA SER A 16 -16.92 15.02 10.61
C SER A 16 -17.15 14.87 9.11
N LYS A 17 -18.39 15.08 8.65
CA LYS A 17 -18.66 15.00 7.21
C LYS A 17 -17.90 16.06 6.45
N MET A 18 -17.85 17.28 6.98
CA MET A 18 -17.09 18.34 6.32
C MET A 18 -15.62 18.00 6.26
N ILE A 19 -15.06 17.47 7.35
CA ILE A 19 -13.66 17.09 7.38
C ILE A 19 -13.40 15.99 6.35
N ASP A 20 -14.30 15.01 6.28
CA ASP A 20 -14.15 13.93 5.31
C ASP A 20 -14.20 14.46 3.88
N ARG A 21 -15.10 15.40 3.61
CA ARG A 21 -15.18 16.00 2.28
C ARG A 21 -13.87 16.70 1.94
N ASN A 22 -13.34 17.49 2.88
CA ASN A 22 -12.07 18.19 2.64
C ASN A 22 -10.95 17.19 2.37
N LEU A 23 -10.87 16.14 3.20
CA LEU A 23 -9.80 15.16 3.03
C LEU A 23 -9.92 14.44 1.68
N ARG A 24 -11.14 14.07 1.30
CA ARG A 24 -11.33 13.34 0.05
C ARG A 24 -10.99 14.22 -1.16
N GLU A 25 -11.44 15.48 -1.15
CA GLU A 25 -11.14 16.33 -2.29
C GLU A 25 -9.64 16.63 -2.37
N ASP A 26 -8.99 16.84 -1.22
CA ASP A 26 -7.55 17.08 -1.25
C ASP A 26 -6.80 15.84 -1.72
N GLY A 27 -7.23 14.66 -1.29
CA GLY A 27 -6.60 13.43 -1.76
C GLY A 27 -6.78 13.22 -3.25
N GLU A 28 -7.97 13.53 -3.77
CA GLU A 28 -8.17 13.45 -5.21
C GLU A 28 -7.27 14.42 -5.95
N LYS A 29 -7.13 15.63 -5.41
CA LYS A 29 -6.23 16.61 -6.03
C LYS A 29 -4.80 16.12 -6.04
N ALA A 30 -4.35 15.52 -4.93
CA ALA A 30 -2.96 15.09 -4.82
C ALA A 30 -2.70 13.74 -5.47
N ALA A 31 -3.74 13.02 -5.89
CA ALA A 31 -3.56 11.72 -6.52
C ALA A 31 -3.11 11.84 -7.97
N ARG A 32 -3.59 12.85 -8.69
CA ARG A 32 -3.32 12.98 -10.12
C ARG A 32 -2.04 13.79 -10.37
N GLU A 33 -0.95 13.30 -9.76
CA GLU A 33 0.36 13.90 -9.95
C GLU A 33 1.42 12.83 -9.78
N VAL A 34 2.31 12.72 -10.77
CA VAL A 34 3.31 11.66 -10.76
C VAL A 34 4.39 11.97 -9.73
N LYS A 35 4.85 10.94 -9.03
CA LYS A 35 5.92 11.05 -8.05
C LYS A 35 7.16 10.34 -8.58
N LEU A 36 8.29 11.03 -8.56
CA LEU A 36 9.57 10.50 -9.01
C LEU A 36 10.58 10.53 -7.89
N LEU A 37 11.71 9.87 -8.11
CA LEU A 37 12.79 9.79 -7.13
C LEU A 37 14.11 10.10 -7.82
N LEU A 38 15.01 10.74 -7.08
CA LEU A 38 16.33 11.12 -7.57
C LEU A 38 17.37 10.53 -6.63
N LEU A 39 18.31 9.77 -7.20
CA LEU A 39 19.35 9.10 -6.42
C LEU A 39 20.68 9.20 -7.16
N GLY A 40 21.75 9.19 -6.39
CA GLY A 40 23.08 9.27 -6.96
C GLY A 40 24.08 9.73 -5.91
N ALA A 41 25.31 9.97 -6.38
CA ALA A 41 26.36 10.44 -5.50
C ALA A 41 26.19 11.92 -5.19
N GLY A 42 27.01 12.40 -4.25
CA GLY A 42 26.88 13.79 -3.82
C GLY A 42 27.17 14.78 -4.92
N GLU A 43 28.23 14.55 -5.68
CA GLU A 43 28.70 15.48 -6.70
C GLU A 43 28.86 14.80 -8.05
N SER A 44 27.89 13.96 -8.43
CA SER A 44 27.88 13.32 -9.73
C SER A 44 27.06 14.09 -10.76
N GLY A 45 26.56 15.27 -10.41
CA GLY A 45 25.77 16.08 -11.31
C GLY A 45 24.28 16.12 -11.00
N LYS A 46 23.86 15.63 -9.83
CA LYS A 46 22.44 15.64 -9.49
C LYS A 46 21.90 17.06 -9.48
N ASN A 47 22.57 17.96 -8.73
CA ASN A 47 22.12 19.34 -8.65
C ASN A 47 22.17 20.01 -10.02
N THR A 48 23.13 19.64 -10.86
CA THR A 48 23.16 20.17 -12.22
C THR A 48 21.91 19.77 -12.98
N ILE A 49 21.47 18.53 -12.83
CA ILE A 49 20.24 18.09 -13.50
C ILE A 49 19.04 18.83 -12.95
N VAL A 50 18.97 19.01 -11.62
CA VAL A 50 17.84 19.74 -11.04
C VAL A 50 17.79 21.15 -11.61
N LYS A 51 18.94 21.82 -11.68
CA LYS A 51 18.98 23.17 -12.23
C LYS A 51 18.58 23.17 -13.71
N GLN A 52 19.04 22.18 -14.48
CA GLN A 52 18.76 22.15 -15.90
C GLN A 52 17.27 21.96 -16.17
N MET A 53 16.63 21.03 -15.45
CA MET A 53 15.22 20.76 -15.69
C MET A 53 14.36 21.97 -15.38
N LYS A 54 14.66 22.67 -14.29
CA LYS A 54 13.88 23.84 -13.88
C LYS A 54 14.29 25.11 -14.62
N ILE A 55 15.33 25.05 -15.45
CA ILE A 55 15.77 26.20 -16.22
C ILE A 55 15.71 25.87 -17.71
N THR A 182 16.51 20.80 6.05
CA THR A 182 17.41 20.54 4.94
C THR A 182 17.45 19.05 4.62
N GLY A 183 16.28 18.45 4.44
CA GLY A 183 16.18 17.04 4.12
C GLY A 183 15.72 16.78 2.71
N ILE A 184 14.49 16.31 2.55
CA ILE A 184 13.95 16.03 1.23
C ILE A 184 13.63 17.35 0.53
N VAL A 185 14.13 17.50 -0.69
CA VAL A 185 13.87 18.69 -1.50
C VAL A 185 12.80 18.33 -2.51
N GLU A 186 11.58 18.83 -2.29
CA GLU A 186 10.45 18.56 -3.16
C GLU A 186 10.35 19.65 -4.22
N THR A 187 10.55 19.29 -5.48
CA THR A 187 10.47 20.21 -6.60
C THR A 187 9.35 19.76 -7.53
N HIS A 188 8.58 20.72 -8.03
CA HIS A 188 7.42 20.46 -8.86
C HIS A 188 7.71 20.87 -10.30
N PHE A 189 7.33 20.01 -11.24
CA PHE A 189 7.47 20.28 -12.67
C PHE A 189 6.11 20.25 -13.34
N THR A 190 6.02 20.93 -14.48
CA THR A 190 4.82 20.92 -15.31
C THR A 190 5.26 20.87 -16.76
N PHE A 191 5.03 19.75 -17.43
CA PHE A 191 5.49 19.53 -18.80
C PHE A 191 4.39 18.80 -19.57
N LYS A 192 3.86 19.45 -20.60
CA LYS A 192 2.84 18.86 -21.46
C LYS A 192 1.67 18.32 -20.64
N ASP A 193 1.19 19.14 -19.71
CA ASP A 193 0.04 18.81 -18.88
C ASP A 193 0.31 17.53 -18.07
N LEU A 194 1.37 17.57 -17.27
CA LEU A 194 1.71 16.44 -16.41
C LEU A 194 2.59 16.97 -15.28
N HIS A 195 2.18 16.72 -14.04
CA HIS A 195 2.88 17.22 -12.87
C HIS A 195 3.79 16.13 -12.30
N PHE A 196 5.03 16.50 -12.01
CA PHE A 196 6.03 15.58 -11.46
C PHE A 196 6.49 16.06 -10.10
N LYS A 197 6.65 15.12 -9.17
CA LYS A 197 7.21 15.39 -7.85
C LYS A 197 8.53 14.64 -7.75
N MET A 198 9.64 15.37 -7.69
CA MET A 198 10.96 14.80 -7.57
C MET A 198 11.46 14.97 -6.15
N PHE A 199 11.93 13.88 -5.56
CA PHE A 199 12.36 13.84 -4.16
C PHE A 199 13.87 13.61 -4.13
N ASP A 200 14.61 14.70 -3.99
CA ASP A 200 16.07 14.63 -3.88
C ASP A 200 16.42 14.23 -2.45
N VAL A 201 16.74 12.95 -2.25
CA VAL A 201 17.03 12.41 -0.93
C VAL A 201 18.52 12.40 -0.62
N GLY A 202 19.36 12.86 -1.55
CA GLY A 202 20.79 12.87 -1.32
C GLY A 202 21.29 14.00 -0.45
N ALA A 203 20.42 14.94 -0.09
CA ALA A 203 20.85 16.05 0.77
C ALA A 203 21.29 15.54 2.14
N GLN A 204 20.54 14.60 2.71
CA GLN A 204 20.86 14.01 4.01
C GLN A 204 21.32 12.57 3.80
N ARG A 205 22.44 12.21 4.44
CA ARG A 205 23.02 10.89 4.31
C ARG A 205 22.73 10.08 5.58
N SER A 206 22.26 8.86 5.39
CA SER A 206 21.92 7.99 6.52
C SER A 206 21.75 6.57 5.98
N GLU A 207 21.36 5.66 6.87
CA GLU A 207 21.15 4.27 6.48
C GLU A 207 19.94 4.19 5.54
N ARG A 208 20.16 3.65 4.34
CA ARG A 208 19.10 3.62 3.34
C ARG A 208 18.00 2.63 3.68
N LYS A 209 18.29 1.63 4.51
CA LYS A 209 17.29 0.61 4.81
C LYS A 209 16.08 1.20 5.53
N LYS A 210 16.27 2.25 6.33
CA LYS A 210 15.23 2.74 7.23
C LYS A 210 14.40 3.87 6.63
N TRP A 211 14.72 4.33 5.41
CA TRP A 211 13.90 5.36 4.77
C TRP A 211 13.69 5.13 3.28
N ILE A 212 14.16 4.01 2.72
CA ILE A 212 13.94 3.74 1.31
C ILE A 212 12.63 3.01 1.05
N HIS A 213 12.11 2.27 2.03
CA HIS A 213 10.84 1.58 1.86
C HIS A 213 9.66 2.54 1.75
N CYS A 214 9.81 3.77 2.26
CA CYS A 214 8.72 4.74 2.19
C CYS A 214 8.50 5.28 0.79
N PHE A 215 9.41 5.03 -0.15
CA PHE A 215 9.31 5.54 -1.51
C PHE A 215 8.76 4.49 -2.48
N GLU A 216 8.07 3.48 -1.96
CA GLU A 216 7.47 2.48 -2.82
C GLU A 216 6.30 3.08 -3.60
N GLY A 217 6.06 2.54 -4.80
CA GLY A 217 5.01 3.03 -5.67
C GLY A 217 5.40 4.18 -6.56
N VAL A 218 6.64 4.68 -6.46
CA VAL A 218 7.07 5.76 -7.35
C VAL A 218 7.06 5.26 -8.78
N THR A 219 6.66 6.15 -9.69
CA THR A 219 6.55 5.76 -11.10
C THR A 219 7.91 5.34 -11.65
N ALA A 220 8.96 6.08 -11.34
CA ALA A 220 10.29 5.78 -11.85
C ALA A 220 11.33 6.37 -10.91
N ILE A 221 12.56 5.86 -11.03
CA ILE A 221 13.69 6.30 -10.24
C ILE A 221 14.75 6.86 -11.20
N ILE A 222 15.24 8.07 -10.90
CA ILE A 222 16.24 8.74 -11.71
C ILE A 222 17.60 8.54 -11.05
N PHE A 223 18.52 7.89 -11.76
CA PHE A 223 19.85 7.61 -11.26
C PHE A 223 20.86 8.45 -12.02
N CYS A 224 21.71 9.18 -11.28
CA CYS A 224 22.70 10.07 -11.87
C CYS A 224 24.09 9.59 -11.49
N VAL A 225 24.92 9.33 -12.50
CA VAL A 225 26.32 8.94 -12.31
C VAL A 225 27.15 9.63 -13.37
N ALA A 226 28.32 10.14 -12.96
CA ALA A 226 29.19 10.90 -13.84
C ALA A 226 30.22 9.99 -14.50
N LEU A 227 30.37 10.14 -15.82
CA LEU A 227 31.37 9.36 -16.54
C LEU A 227 32.78 9.67 -16.05
N SER A 228 33.09 10.95 -15.85
CA SER A 228 34.44 11.38 -15.50
C SER A 228 34.65 11.30 -13.99
N ASP A 229 34.55 10.09 -13.46
CA ASP A 229 34.76 9.83 -12.04
C ASP A 229 36.04 9.04 -11.77
N TYR A 230 36.86 8.80 -12.80
CA TYR A 230 38.06 8.00 -12.60
C TYR A 230 39.13 8.80 -11.86
N ASP A 231 39.33 10.07 -12.22
CA ASP A 231 40.37 10.87 -11.60
C ASP A 231 40.09 11.08 -10.12
N LEU A 232 38.84 11.38 -9.77
CA LEU A 232 38.50 11.63 -8.38
C LEU A 232 38.41 10.31 -7.61
N VAL A 233 39.06 10.28 -6.45
CA VAL A 233 39.07 9.10 -5.58
C VAL A 233 38.61 9.53 -4.19
N LEU A 234 37.64 8.81 -3.64
CA LEU A 234 37.12 9.10 -2.32
C LEU A 234 37.71 8.16 -1.27
N ASN A 241 37.73 3.88 -7.86
CA ASN A 241 37.08 3.65 -6.58
C ASN A 241 35.68 4.25 -6.56
N ARG A 242 35.57 5.49 -7.04
CA ARG A 242 34.27 6.15 -7.07
C ARG A 242 33.30 5.40 -8.00
N MET A 243 33.80 4.95 -9.15
CA MET A 243 32.94 4.21 -10.07
C MET A 243 32.47 2.90 -9.44
N HIS A 244 33.36 2.22 -8.71
CA HIS A 244 32.97 0.98 -8.04
C HIS A 244 31.89 1.25 -6.99
N ALA A 245 32.04 2.33 -6.22
CA ALA A 245 31.03 2.67 -5.23
C ALA A 245 29.70 2.99 -5.89
N SER A 246 29.73 3.74 -7.00
CA SER A 246 28.49 4.06 -7.70
C SER A 246 27.82 2.81 -8.22
N MET A 247 28.60 1.88 -8.79
CA MET A 247 28.03 0.64 -9.29
C MET A 247 27.44 -0.19 -8.16
N LYS A 248 28.12 -0.24 -7.01
CA LYS A 248 27.60 -0.97 -5.86
C LYS A 248 26.29 -0.36 -5.39
N LEU A 249 26.22 0.97 -5.32
CA LEU A 249 24.98 1.63 -4.91
C LEU A 249 23.85 1.34 -5.89
N PHE A 250 24.15 1.40 -7.19
CA PHE A 250 23.14 1.11 -8.20
C PHE A 250 22.64 -0.33 -8.08
N ASP A 251 23.56 -1.28 -7.88
CA ASP A 251 23.14 -2.67 -7.73
C ASP A 251 22.29 -2.86 -6.49
N SER A 252 22.68 -2.23 -5.38
CA SER A 252 21.90 -2.38 -4.15
C SER A 252 20.50 -1.79 -4.29
N ILE A 253 20.40 -0.59 -4.87
CA ILE A 253 19.09 0.05 -4.98
C ILE A 253 18.20 -0.66 -5.99
N CYS A 254 18.76 -1.04 -7.15
CA CYS A 254 17.95 -1.65 -8.20
C CYS A 254 17.37 -2.98 -7.74
N ASN A 255 18.16 -3.79 -7.04
CA ASN A 255 17.71 -5.10 -6.57
C ASN A 255 16.95 -5.02 -5.26
N ASN A 256 16.47 -3.84 -4.88
CA ASN A 256 15.72 -3.71 -3.64
C ASN A 256 14.37 -4.40 -3.75
N LYS A 257 13.93 -4.98 -2.63
CA LYS A 257 12.67 -5.70 -2.62
C LYS A 257 11.49 -4.77 -2.88
N TRP A 258 11.61 -3.49 -2.56
CA TRP A 258 10.53 -2.53 -2.72
C TRP A 258 10.49 -1.92 -4.11
N PHE A 259 11.49 -2.17 -4.96
CA PHE A 259 11.57 -1.58 -6.28
C PHE A 259 11.56 -2.65 -7.38
N THR A 260 10.90 -3.78 -7.13
CA THR A 260 10.85 -4.84 -8.13
C THR A 260 10.13 -4.36 -9.39
N ASP A 261 9.00 -3.66 -9.23
CA ASP A 261 8.23 -3.17 -10.36
C ASP A 261 8.55 -1.73 -10.72
N THR A 262 9.51 -1.11 -10.04
CA THR A 262 9.85 0.29 -10.31
C THR A 262 10.88 0.39 -11.42
N SER A 263 10.59 1.20 -12.43
CA SER A 263 11.53 1.43 -13.51
C SER A 263 12.62 2.40 -13.06
N ILE A 264 13.80 2.26 -13.65
CA ILE A 264 14.96 3.07 -13.30
C ILE A 264 15.43 3.80 -14.55
N ILE A 265 15.62 5.11 -14.42
CA ILE A 265 16.18 5.93 -15.49
C ILE A 265 17.59 6.32 -15.11
N LEU A 266 18.54 5.99 -15.97
CA LEU A 266 19.96 6.23 -15.71
C LEU A 266 20.46 7.38 -16.58
N PHE A 267 21.10 8.35 -15.95
CA PHE A 267 21.60 9.53 -16.64
C PHE A 267 23.12 9.58 -16.49
N LEU A 268 23.81 9.83 -17.61
CA LEU A 268 25.26 9.94 -17.63
C LEU A 268 25.62 11.39 -17.93
N ASN A 269 26.38 12.02 -17.04
CA ASN A 269 26.65 13.45 -17.10
C ASN A 269 28.10 13.71 -17.49
N LYS A 270 28.36 14.96 -17.85
CA LYS A 270 29.69 15.46 -18.21
C LYS A 270 30.43 14.47 -19.11
N LYS A 271 29.83 14.22 -20.28
CA LYS A 271 30.47 13.35 -21.26
C LYS A 271 31.75 13.95 -21.81
N ASP A 272 31.80 15.27 -21.98
CA ASP A 272 32.99 15.90 -22.53
C ASP A 272 34.20 15.64 -21.63
N LEU A 273 34.08 15.95 -20.33
CA LEU A 273 35.18 15.74 -19.42
C LEU A 273 35.65 14.30 -19.45
N PHE A 274 34.71 13.36 -19.56
CA PHE A 274 35.10 11.96 -19.77
C PHE A 274 35.91 11.80 -21.05
N GLU A 275 35.55 12.53 -22.10
CA GLU A 275 36.29 12.45 -23.35
C GLU A 275 37.74 12.89 -23.16
N GLU A 276 37.96 14.05 -22.52
CA GLU A 276 39.34 14.48 -22.29
C GLU A 276 40.07 13.52 -21.37
N LYS A 277 39.38 12.99 -20.35
CA LYS A 277 40.05 12.08 -19.43
C LYS A 277 40.51 10.80 -20.14
N ILE A 278 39.66 10.25 -21.01
CA ILE A 278 40.08 9.06 -21.75
C ILE A 278 41.18 9.41 -22.74
N LYS A 279 41.12 10.59 -23.34
CA LYS A 279 42.19 11.02 -24.24
C LYS A 279 43.51 11.21 -23.51
N LYS A 280 43.47 11.48 -22.21
CA LYS A 280 44.68 11.70 -21.42
C LYS A 280 45.03 10.53 -20.50
N SER A 281 44.08 9.66 -20.18
CA SER A 281 44.30 8.55 -19.26
C SER A 281 43.78 7.26 -19.87
N PRO A 282 44.40 6.12 -19.56
CA PRO A 282 43.92 4.84 -20.07
C PRO A 282 42.70 4.35 -19.29
N LEU A 283 42.03 3.36 -19.87
CA LEU A 283 40.84 2.75 -19.27
C LEU A 283 41.16 1.49 -18.49
N THR A 284 42.43 1.08 -18.43
CA THR A 284 42.80 -0.15 -17.73
C THR A 284 42.82 0.01 -16.21
N ILE A 285 43.03 1.22 -15.70
CA ILE A 285 43.10 1.43 -14.26
C ILE A 285 41.76 1.08 -13.61
N CYS A 286 40.67 1.52 -14.24
CA CYS A 286 39.35 1.31 -13.64
C CYS A 286 38.89 -0.15 -13.76
N TYR A 287 39.19 -0.80 -14.90
CA TYR A 287 38.70 -2.15 -15.18
C TYR A 287 39.90 -3.07 -15.41
N PRO A 288 40.35 -3.78 -14.38
CA PRO A 288 41.46 -4.73 -14.58
C PRO A 288 41.14 -5.84 -15.57
N GLU A 289 39.86 -6.21 -15.69
CA GLU A 289 39.45 -7.35 -16.51
C GLU A 289 39.03 -6.93 -17.92
N TYR A 290 39.23 -5.67 -18.28
CA TYR A 290 38.86 -5.17 -19.60
C TYR A 290 40.09 -4.64 -20.31
N ALA A 291 40.19 -4.98 -21.60
CA ALA A 291 41.28 -4.51 -22.45
C ALA A 291 40.73 -4.27 -23.84
N GLY A 292 41.07 -3.12 -24.43
CA GLY A 292 40.58 -2.80 -25.75
C GLY A 292 41.07 -1.45 -26.20
N SER A 293 40.57 -1.01 -27.34
CA SER A 293 40.95 0.28 -27.90
C SER A 293 40.48 1.42 -27.01
N ASN A 294 41.29 2.47 -26.94
CA ASN A 294 40.99 3.65 -26.12
C ASN A 294 40.25 4.70 -26.95
N THR A 295 39.07 4.31 -27.43
CA THR A 295 38.21 5.19 -28.21
C THR A 295 37.02 5.62 -27.38
N TYR A 296 36.26 6.58 -27.92
CA TYR A 296 35.18 7.19 -27.15
C TYR A 296 33.89 6.38 -27.25
N GLU A 297 33.43 6.12 -28.48
CA GLU A 297 32.14 5.45 -28.65
C GLU A 297 32.16 4.04 -28.06
N GLU A 298 33.23 3.29 -28.31
CA GLU A 298 33.31 1.93 -27.78
C GLU A 298 33.34 1.94 -26.26
N ALA A 299 34.10 2.85 -25.66
CA ALA A 299 34.14 2.94 -24.20
C ALA A 299 32.77 3.30 -23.64
N ALA A 300 32.08 4.25 -24.26
CA ALA A 300 30.76 4.64 -23.79
C ALA A 300 29.79 3.46 -23.88
N ALA A 301 29.83 2.72 -24.99
CA ALA A 301 28.96 1.56 -25.12
C ALA A 301 29.29 0.50 -24.08
N TYR A 302 30.58 0.28 -23.81
CA TYR A 302 30.99 -0.69 -22.80
C TYR A 302 30.45 -0.29 -21.43
N ILE A 303 30.60 0.98 -21.06
CA ILE A 303 30.09 1.45 -19.77
C ILE A 303 28.58 1.27 -19.71
N GLN A 304 27.88 1.62 -20.79
CA GLN A 304 26.43 1.52 -20.80
C GLN A 304 25.98 0.09 -20.59
N CYS A 305 26.55 -0.86 -21.35
CA CYS A 305 26.11 -2.24 -21.21
C CYS A 305 26.52 -2.83 -19.86
N GLN A 306 27.68 -2.44 -19.32
CA GLN A 306 28.07 -2.92 -18.01
C GLN A 306 27.11 -2.42 -16.94
N PHE A 307 26.69 -1.16 -17.03
CA PHE A 307 25.66 -0.67 -16.12
C PHE A 307 24.35 -1.42 -16.30
N GLU A 308 23.98 -1.72 -17.54
CA GLU A 308 22.75 -2.46 -17.83
C GLU A 308 22.84 -3.92 -17.38
N ASP A 309 24.02 -4.44 -17.11
CA ASP A 309 24.20 -5.84 -16.73
C ASP A 309 24.08 -6.05 -15.23
N LEU A 310 24.14 -4.98 -14.42
CA LEU A 310 24.10 -5.15 -12.98
C LEU A 310 22.79 -5.78 -12.51
N ASN A 311 21.67 -5.36 -13.09
CA ASN A 311 20.38 -5.88 -12.67
C ASN A 311 20.29 -7.38 -12.95
N LYS A 312 19.67 -8.10 -12.01
CA LYS A 312 19.47 -9.53 -12.16
C LYS A 312 18.14 -9.87 -12.81
N ARG A 313 17.10 -9.10 -12.50
CA ARG A 313 15.78 -9.30 -13.10
C ARG A 313 15.60 -8.31 -14.24
N LYS A 314 15.13 -8.80 -15.38
CA LYS A 314 14.95 -7.98 -16.57
C LYS A 314 13.53 -8.03 -17.14
N ASP A 315 12.73 -9.04 -16.82
CA ASP A 315 11.37 -9.11 -17.35
C ASP A 315 10.44 -8.12 -16.67
N THR A 316 10.69 -7.79 -15.40
CA THR A 316 9.79 -6.91 -14.66
C THR A 316 10.09 -5.45 -14.95
N LYS A 317 11.32 -5.01 -14.69
CA LYS A 317 11.72 -3.62 -14.86
C LYS A 317 12.67 -3.48 -16.04
N GLU A 318 12.61 -2.32 -16.69
CA GLU A 318 13.49 -2.00 -17.81
C GLU A 318 14.21 -0.70 -17.51
N ILE A 319 15.53 -0.71 -17.69
CA ILE A 319 16.37 0.46 -17.41
C ILE A 319 16.49 1.29 -18.69
N TYR A 320 16.40 2.60 -18.54
CA TYR A 320 16.49 3.55 -19.64
C TYR A 320 17.76 4.38 -19.45
N THR A 321 18.76 4.15 -20.29
CA THR A 321 20.01 4.89 -20.22
C THR A 321 19.97 6.08 -21.18
N HIS A 322 20.62 7.17 -20.78
CA HIS A 322 20.62 8.39 -21.57
C HIS A 322 21.96 9.08 -21.41
N PHE A 323 22.32 9.89 -22.42
CA PHE A 323 23.53 10.68 -22.42
C PHE A 323 23.15 12.14 -22.21
N THR A 324 23.69 12.74 -21.16
CA THR A 324 23.38 14.13 -20.81
C THR A 324 24.46 15.05 -21.38
N CYS A 325 24.03 16.09 -22.10
CA CYS A 325 24.93 17.05 -22.70
C CYS A 325 24.55 18.46 -22.30
N SER A 326 25.16 19.46 -22.96
CA SER A 326 24.84 20.85 -22.66
C SER A 326 23.40 21.22 -23.02
N THR A 327 22.71 20.38 -23.79
CA THR A 327 21.32 20.64 -24.13
C THR A 327 20.45 20.59 -22.88
N ASP A 328 19.27 21.21 -22.98
CA ASP A 328 18.36 21.35 -21.85
C ASP A 328 17.05 20.61 -22.05
N THR A 329 16.36 20.82 -23.18
CA THR A 329 15.04 20.22 -23.37
C THR A 329 15.12 18.72 -23.56
N LYS A 330 16.27 18.20 -24.01
CA LYS A 330 16.38 16.78 -24.29
C LYS A 330 16.17 15.94 -23.02
N ASN A 331 16.75 16.38 -21.90
CA ASN A 331 16.60 15.61 -20.66
C ASN A 331 15.14 15.53 -20.22
N VAL A 332 14.45 16.68 -20.25
CA VAL A 332 13.05 16.70 -19.85
C VAL A 332 12.21 15.86 -20.80
N GLN A 333 12.47 15.96 -22.11
CA GLN A 333 11.73 15.16 -23.07
C GLN A 333 11.95 13.67 -22.83
N PHE A 334 13.19 13.28 -22.56
CA PHE A 334 13.48 11.87 -22.30
C PHE A 334 12.78 11.39 -21.03
N VAL A 335 12.78 12.22 -19.98
CA VAL A 335 12.10 11.84 -18.74
C VAL A 335 10.60 11.66 -18.99
N PHE A 336 10.00 12.60 -19.71
CA PHE A 336 8.57 12.50 -20.00
C PHE A 336 8.27 11.26 -20.83
N ASP A 337 9.09 10.98 -21.84
CA ASP A 337 8.87 9.80 -22.67
C ASP A 337 9.00 8.53 -21.84
N ALA A 338 10.00 8.47 -20.96
CA ALA A 338 10.16 7.29 -20.11
C ALA A 338 8.97 7.10 -19.20
N VAL A 339 8.47 8.19 -18.60
CA VAL A 339 7.31 8.07 -17.72
C VAL A 339 6.10 7.60 -18.50
N THR A 340 5.88 8.16 -19.70
CA THR A 340 4.74 7.74 -20.51
C THR A 340 4.84 6.28 -20.90
N ASP A 341 6.04 5.83 -21.28
CA ASP A 341 6.23 4.43 -21.64
C ASP A 341 5.97 3.52 -20.44
N VAL A 342 6.45 3.92 -19.26
CA VAL A 342 6.22 3.11 -18.07
C VAL A 342 4.73 3.01 -17.78
N ILE A 343 4.01 4.13 -17.88
CA ILE A 343 2.57 4.12 -17.63
C ILE A 343 1.86 3.22 -18.63
N ILE A 344 2.22 3.33 -19.90
CA ILE A 344 1.57 2.52 -20.93
C ILE A 344 1.84 1.04 -20.71
N LYS A 345 3.08 0.70 -20.36
CA LYS A 345 3.41 -0.71 -20.12
C LYS A 345 2.69 -1.23 -18.88
N ASN A 346 2.56 -0.42 -17.85
CA ASN A 346 1.79 -0.83 -16.67
C ASN A 346 0.33 -1.08 -17.03
N ASN A 347 -0.25 -0.19 -17.83
CA ASN A 347 -1.63 -0.39 -18.27
C ASN A 347 -1.78 -1.67 -19.08
N LEU A 348 -0.84 -1.92 -19.99
CA LEU A 348 -0.88 -3.14 -20.79
C LEU A 348 -0.77 -4.37 -19.90
N LYS A 349 0.13 -4.34 -18.92
CA LYS A 349 0.25 -5.46 -17.99
C LYS A 349 -1.04 -5.69 -17.23
N ASP A 350 -1.68 -4.60 -16.77
CA ASP A 350 -2.98 -4.74 -16.14
C ASP A 350 -4.00 -5.34 -17.10
N CYS A 351 -3.88 -5.04 -18.39
CA CYS A 351 -4.74 -5.61 -19.41
C CYS A 351 -4.27 -6.98 -19.88
N GLY A 352 -3.06 -7.40 -19.52
CA GLY A 352 -2.54 -8.70 -19.91
C GLY A 352 -1.98 -8.78 -21.31
N LEU A 353 -1.80 -7.64 -21.98
CA LEU A 353 -1.27 -7.62 -23.34
C LEU A 353 0.23 -7.35 -23.40
N PHE A 354 0.91 -7.27 -22.25
CA PHE A 354 2.34 -7.00 -22.23
C PHE A 354 3.02 -7.82 -21.14
N GLN B 18 38.21 -3.47 29.52
CA GLN B 18 38.28 -4.06 30.88
C GLN B 18 37.01 -3.74 31.67
N LEU B 19 36.59 -2.48 31.60
CA LEU B 19 35.37 -2.07 32.31
C LEU B 19 34.15 -2.81 31.76
N LYS B 20 34.07 -2.96 30.45
CA LYS B 20 32.97 -3.71 29.85
C LYS B 20 32.99 -5.16 30.34
N ASN B 21 34.17 -5.77 30.40
CA ASN B 21 34.29 -7.13 30.90
C ASN B 21 33.86 -7.20 32.36
N GLN B 22 34.24 -6.20 33.16
CA GLN B 22 33.83 -6.18 34.56
C GLN B 22 32.31 -6.09 34.68
N ILE B 23 31.68 -5.24 33.88
CA ILE B 23 30.22 -5.12 33.92
C ILE B 23 29.57 -6.43 33.50
N ARG B 24 30.10 -7.07 32.45
CA ARG B 24 29.55 -8.34 32.01
C ARG B 24 29.65 -9.39 33.12
N ASP B 25 30.81 -9.46 33.78
CA ASP B 25 30.99 -10.43 34.86
C ASP B 25 30.03 -10.13 36.01
N ALA B 26 29.87 -8.85 36.36
CA ALA B 26 28.97 -8.49 37.46
C ALA B 26 27.53 -8.89 37.14
N ARG B 27 27.07 -8.59 35.92
CA ARG B 27 25.70 -8.94 35.56
C ARG B 27 25.52 -10.45 35.49
N LYS B 28 26.53 -11.18 35.01
CA LYS B 28 26.44 -12.63 34.98
C LYS B 28 26.35 -13.20 36.40
N ALA B 29 27.15 -12.66 37.32
CA ALA B 29 27.10 -13.12 38.71
C ALA B 29 25.74 -12.81 39.33
N CYS B 30 25.21 -11.62 39.06
CA CYS B 30 23.90 -11.26 39.60
C CYS B 30 22.77 -12.09 39.02
N ALA B 31 23.00 -12.79 37.91
CA ALA B 31 21.97 -13.61 37.28
C ALA B 31 21.93 -14.98 37.97
N ASP B 32 21.18 -15.02 39.07
CA ASP B 32 21.01 -16.26 39.83
C ASP B 32 19.77 -17.05 39.44
N ALA B 33 18.72 -16.36 38.98
CA ALA B 33 17.49 -17.04 38.58
C ALA B 33 16.77 -16.17 37.57
N THR B 34 15.89 -16.80 36.80
CA THR B 34 15.10 -16.13 35.77
C THR B 34 13.64 -16.05 36.21
N LEU B 35 12.90 -15.16 35.56
CA LEU B 35 11.49 -14.98 35.88
C LEU B 35 10.66 -16.22 35.54
N SER B 36 11.18 -17.11 34.69
CA SER B 36 10.43 -18.30 34.32
C SER B 36 10.16 -19.19 35.54
N GLN B 37 11.16 -19.36 36.40
CA GLN B 37 10.98 -20.18 37.58
C GLN B 37 9.91 -19.61 38.51
N ILE B 38 9.92 -18.28 38.69
CA ILE B 38 8.95 -17.66 39.57
C ILE B 38 7.55 -17.74 38.96
N THR B 39 7.45 -17.59 37.64
CA THR B 39 6.17 -17.57 36.96
C THR B 39 5.70 -18.96 36.55
N ASN B 40 6.49 -20.01 36.84
CA ASN B 40 6.08 -21.36 36.47
C ASN B 40 4.79 -21.76 37.19
N ASN B 41 4.67 -21.41 38.47
CA ASN B 41 3.48 -21.75 39.24
C ASN B 41 2.30 -20.83 38.93
N ILE B 42 2.52 -19.74 38.22
CA ILE B 42 1.44 -18.81 37.90
C ILE B 42 0.64 -19.37 36.73
N ASP B 43 -0.67 -19.43 36.90
CA ASP B 43 -1.53 -19.96 35.85
C ASP B 43 -1.49 -19.05 34.64
N PRO B 44 -1.49 -19.58 33.42
CA PRO B 44 -1.45 -18.72 32.24
C PRO B 44 -2.73 -17.92 32.08
N VAL B 45 -2.60 -16.78 31.40
CA VAL B 45 -3.74 -15.92 31.14
C VAL B 45 -4.78 -16.63 30.27
N GLY B 46 -4.35 -17.62 29.50
CA GLY B 46 -5.26 -18.33 28.62
C GLY B 46 -5.48 -17.60 27.31
N ARG B 47 -6.51 -18.04 26.59
CA ARG B 47 -6.85 -17.46 25.29
C ARG B 47 -7.51 -16.10 25.49
N ILE B 48 -6.98 -15.09 24.82
CA ILE B 48 -7.53 -13.74 24.86
C ILE B 48 -8.20 -13.50 23.51
N GLN B 49 -9.53 -13.45 23.52
CA GLN B 49 -10.30 -13.27 22.28
C GLN B 49 -10.68 -11.81 22.15
N MET B 50 -10.25 -11.19 21.04
CA MET B 50 -10.56 -9.80 20.75
C MET B 50 -11.01 -9.68 19.30
N ARG B 51 -11.93 -8.73 19.07
CA ARG B 51 -12.47 -8.49 17.74
C ARG B 51 -12.52 -6.99 17.49
N THR B 52 -12.43 -6.62 16.21
CA THR B 52 -12.50 -5.22 15.83
C THR B 52 -13.91 -4.69 16.10
N ARG B 53 -14.02 -3.81 17.09
CA ARG B 53 -15.30 -3.22 17.46
C ARG B 53 -15.53 -1.84 16.86
N ARG B 54 -14.48 -1.18 16.39
CA ARG B 54 -14.59 0.07 15.68
C ARG B 54 -13.61 0.07 14.52
N THR B 55 -13.99 0.75 13.44
CA THR B 55 -13.14 0.85 12.25
C THR B 55 -13.11 2.30 11.82
N LEU B 56 -11.91 2.88 11.77
CA LEU B 56 -11.71 4.28 11.38
C LEU B 56 -11.01 4.29 10.03
N ARG B 57 -11.73 4.76 9.00
CA ARG B 57 -11.21 4.82 7.63
C ARG B 57 -11.35 6.26 7.14
N GLY B 58 -10.36 7.08 7.44
CA GLY B 58 -10.32 8.45 6.95
C GLY B 58 -9.06 8.76 6.17
N HIS B 59 -8.00 8.01 6.45
CA HIS B 59 -6.74 8.21 5.75
C HIS B 59 -6.80 7.58 4.36
N LEU B 60 -5.83 7.97 3.51
CA LEU B 60 -5.75 7.47 2.15
C LEU B 60 -4.40 6.87 1.80
N ALA B 61 -3.44 6.90 2.73
CA ALA B 61 -2.11 6.35 2.48
C ALA B 61 -1.64 5.63 3.74
N LYS B 62 -0.39 5.19 3.72
CA LYS B 62 0.16 4.46 4.87
C LYS B 62 0.32 5.38 6.06
N ILE B 63 0.21 4.80 7.26
CA ILE B 63 0.37 5.51 8.51
C ILE B 63 1.44 4.80 9.34
N TYR B 64 2.33 5.59 9.93
CA TYR B 64 3.45 5.05 10.69
C TYR B 64 3.42 5.41 12.18
N ALA B 65 2.47 6.23 12.62
CA ALA B 65 2.46 6.68 14.00
C ALA B 65 1.03 6.77 14.52
N MET B 66 0.90 6.68 15.83
CA MET B 66 -0.38 6.81 16.51
C MET B 66 -0.12 6.93 18.00
N HIS B 67 -0.82 7.86 18.65
CA HIS B 67 -0.65 8.11 20.07
C HIS B 67 -2.01 8.38 20.70
N TRP B 68 -2.28 7.74 21.84
CA TRP B 68 -3.54 7.93 22.54
C TRP B 68 -3.49 9.20 23.38
N GLY B 69 -4.68 9.65 23.78
CA GLY B 69 -4.79 10.84 24.61
C GLY B 69 -4.72 10.55 26.09
N THR B 70 -4.67 11.62 26.88
CA THR B 70 -4.61 11.48 28.33
C THR B 70 -5.96 11.09 28.91
N ASP B 71 -7.06 11.45 28.26
CA ASP B 71 -8.40 11.11 28.72
C ASP B 71 -8.91 9.80 28.13
N SER B 72 -8.09 9.09 27.35
CA SER B 72 -8.49 7.83 26.74
C SER B 72 -9.69 7.99 25.82
N ARG B 73 -9.86 9.18 25.25
CA ARG B 73 -10.95 9.47 24.33
C ARG B 73 -10.45 9.89 22.95
N LEU B 74 -9.47 10.78 22.89
CA LEU B 74 -8.94 11.28 21.63
C LEU B 74 -7.57 10.66 21.36
N LEU B 75 -7.33 10.32 20.10
CA LEU B 75 -6.05 9.77 19.67
C LEU B 75 -5.63 10.46 18.39
N VAL B 76 -4.31 10.61 18.22
CA VAL B 76 -3.73 11.30 17.07
C VAL B 76 -2.99 10.28 16.22
N SER B 77 -3.15 10.39 14.90
CA SER B 77 -2.48 9.50 13.97
C SER B 77 -1.98 10.30 12.78
N ALA B 78 -0.79 9.97 12.30
CA ALA B 78 -0.16 10.65 11.18
C ALA B 78 -0.05 9.69 9.99
N SER B 79 -0.27 10.22 8.80
CA SER B 79 -0.25 9.45 7.56
C SER B 79 0.70 10.11 6.56
N GLN B 80 0.89 9.45 5.42
CA GLN B 80 1.80 9.91 4.39
C GLN B 80 1.14 10.78 3.34
N ASP B 81 -0.15 11.07 3.48
CA ASP B 81 -0.86 11.94 2.55
C ASP B 81 -0.82 13.40 2.99
N GLY B 82 -0.06 13.72 4.03
CA GLY B 82 0.06 15.09 4.49
C GLY B 82 -1.05 15.55 5.42
N LYS B 83 -1.87 14.64 5.92
CA LYS B 83 -2.99 14.97 6.78
C LYS B 83 -2.87 14.25 8.11
N LEU B 84 -3.17 14.96 9.19
CA LEU B 84 -3.23 14.40 10.53
C LEU B 84 -4.66 14.51 11.04
N ILE B 85 -5.19 13.41 11.56
CA ILE B 85 -6.59 13.31 11.97
C ILE B 85 -6.63 12.98 13.45
N ILE B 86 -7.42 13.74 14.20
CA ILE B 86 -7.69 13.46 15.60
C ILE B 86 -9.09 12.87 15.69
N TRP B 87 -9.18 11.62 16.14
CA TRP B 87 -10.42 10.87 16.12
C TRP B 87 -11.03 10.80 17.51
N ASP B 88 -12.35 10.64 17.55
CA ASP B 88 -13.07 10.40 18.79
C ASP B 88 -13.27 8.90 18.95
N SER B 89 -12.75 8.34 20.04
CA SER B 89 -12.80 6.89 20.24
C SER B 89 -14.21 6.38 20.50
N TYR B 90 -15.17 7.25 20.76
CA TYR B 90 -16.54 6.85 21.06
C TYR B 90 -17.43 6.85 19.81
N THR B 91 -17.56 8.00 19.15
CA THR B 91 -18.44 8.16 18.02
C THR B 91 -17.73 7.98 16.67
N THR B 92 -16.43 7.68 16.68
CA THR B 92 -15.67 7.50 15.44
C THR B 92 -15.79 8.73 14.54
N ASN B 93 -15.76 9.91 15.15
CA ASN B 93 -15.87 11.17 14.43
C ASN B 93 -14.51 11.86 14.38
N LYS B 94 -14.40 12.82 13.47
CA LYS B 94 -13.19 13.61 13.29
C LYS B 94 -13.40 14.99 13.88
N VAL B 95 -12.47 15.43 14.73
CA VAL B 95 -12.60 16.71 15.43
C VAL B 95 -11.69 17.74 14.77
N HIS B 96 -10.59 17.28 14.17
CA HIS B 96 -9.65 18.20 13.54
C HIS B 96 -8.95 17.48 12.39
N ALA B 97 -8.43 18.28 11.46
CA ALA B 97 -7.66 17.77 10.33
C ALA B 97 -6.58 18.80 10.03
N ILE B 98 -5.33 18.48 10.37
CA ILE B 98 -4.20 19.40 10.27
C ILE B 98 -3.38 19.00 9.05
N PRO B 99 -3.37 19.79 7.97
CA PRO B 99 -2.47 19.48 6.86
C PRO B 99 -1.01 19.69 7.24
N LEU B 100 -0.14 18.94 6.57
CA LEU B 100 1.29 18.97 6.84
C LEU B 100 2.03 19.57 5.64
N ARG B 101 2.96 20.48 5.93
CA ARG B 101 3.77 21.07 4.86
C ARG B 101 4.60 20.00 4.16
N SER B 102 5.19 19.08 4.93
CA SER B 102 5.97 17.98 4.38
C SER B 102 5.13 16.71 4.41
N SER B 103 4.99 16.07 3.26
CA SER B 103 4.18 14.86 3.16
C SER B 103 4.83 13.65 3.82
N TRP B 104 6.11 13.75 4.21
CA TRP B 104 6.85 12.64 4.81
C TRP B 104 6.88 12.86 6.32
N VAL B 105 6.04 12.13 7.04
CA VAL B 105 5.98 12.17 8.51
C VAL B 105 6.21 10.76 9.02
N MET B 106 7.16 10.61 9.94
CA MET B 106 7.52 9.30 10.49
C MET B 106 7.07 9.11 11.92
N THR B 107 6.61 10.17 12.60
CA THR B 107 6.21 10.05 13.99
C THR B 107 5.23 11.17 14.32
N CYS B 108 4.53 10.99 15.43
CA CYS B 108 3.61 11.99 15.95
C CYS B 108 3.50 11.82 17.45
N ALA B 109 3.05 12.87 18.13
CA ALA B 109 2.91 12.85 19.57
C ALA B 109 1.71 13.71 19.97
N TYR B 110 1.20 13.45 21.17
CA TYR B 110 0.05 14.15 21.72
C TYR B 110 0.45 14.77 23.06
N ALA B 111 0.14 16.06 23.23
CA ALA B 111 0.52 16.74 24.45
C ALA B 111 -0.24 16.17 25.64
N PRO B 112 0.37 16.14 26.83
CA PRO B 112 -0.34 15.62 28.00
C PRO B 112 -1.65 16.35 28.28
N SER B 113 -1.68 17.66 28.07
CA SER B 113 -2.89 18.44 28.27
C SER B 113 -3.74 18.54 27.00
N GLY B 114 -3.25 18.03 25.88
CA GLY B 114 -3.99 18.10 24.63
C GLY B 114 -3.97 19.45 23.95
N ASN B 115 -3.11 20.37 24.39
CA ASN B 115 -3.04 21.70 23.81
C ASN B 115 -2.16 21.76 22.57
N TYR B 116 -1.22 20.83 22.42
CA TYR B 116 -0.26 20.87 21.33
C TYR B 116 -0.09 19.48 20.72
N VAL B 117 0.31 19.46 19.45
CA VAL B 117 0.60 18.22 18.72
C VAL B 117 1.96 18.38 18.05
N ALA B 118 2.63 17.25 17.81
CA ALA B 118 3.95 17.24 17.19
C ALA B 118 3.98 16.24 16.05
N CYS B 119 4.81 16.54 15.05
CA CYS B 119 4.96 15.68 13.89
C CYS B 119 6.38 15.80 13.35
N GLY B 120 6.96 14.66 12.99
CA GLY B 120 8.30 14.65 12.44
C GLY B 120 8.45 13.53 11.43
N GLY B 121 9.40 13.71 10.51
CA GLY B 121 9.64 12.73 9.48
C GLY B 121 10.99 12.88 8.81
N LEU B 122 11.05 12.67 7.49
CA LEU B 122 12.30 12.77 6.77
C LEU B 122 12.90 14.16 6.88
N ASP B 123 12.08 15.20 6.97
CA ASP B 123 12.57 16.54 7.22
C ASP B 123 13.09 16.65 8.64
N ASN B 124 14.14 17.46 8.82
CA ASN B 124 14.79 17.58 10.11
C ASN B 124 14.04 18.57 11.01
N ILE B 125 12.73 18.37 11.16
CA ILE B 125 11.89 19.29 11.94
C ILE B 125 10.83 18.48 12.66
N CYS B 126 10.63 18.78 13.95
CA CYS B 126 9.49 18.28 14.71
C CYS B 126 8.54 19.45 14.93
N SER B 127 7.67 19.70 13.95
CA SER B 127 6.78 20.85 14.00
C SER B 127 5.76 20.68 15.12
N ILE B 128 5.42 21.80 15.76
CA ILE B 128 4.47 21.83 16.86
C ILE B 128 3.21 22.56 16.40
N TYR B 129 2.06 21.91 16.58
CA TYR B 129 0.78 22.47 16.18
C TYR B 129 -0.07 22.71 17.43
N ASN B 130 -0.84 23.81 17.40
CA ASN B 130 -1.71 24.18 18.50
C ASN B 130 -3.16 23.88 18.13
N LEU B 131 -3.87 23.21 19.05
CA LEU B 131 -5.24 22.79 18.78
C LEU B 131 -6.26 23.79 19.31
N LYS B 132 -6.10 24.26 20.54
CA LYS B 132 -7.05 25.17 21.16
C LYS B 132 -6.53 26.60 21.04
N THR B 133 -7.31 27.44 20.37
CA THR B 133 -6.95 28.85 20.18
C THR B 133 -8.22 29.68 20.15
N ARG B 134 -8.06 30.98 20.39
CA ARG B 134 -9.20 31.89 20.36
C ARG B 134 -9.82 31.92 18.97
N GLU B 135 -8.99 31.94 17.93
CA GLU B 135 -9.51 31.92 16.57
C GLU B 135 -10.25 30.63 16.26
N GLY B 136 -9.85 29.53 16.90
CA GLY B 136 -10.48 28.24 16.68
C GLY B 136 -9.99 27.47 15.48
N ASN B 137 -8.97 27.96 14.79
CA ASN B 137 -8.41 27.31 13.62
C ASN B 137 -7.01 26.80 13.94
N VAL B 138 -6.74 25.54 13.61
CA VAL B 138 -5.43 24.97 13.87
C VAL B 138 -4.38 25.70 13.06
N ARG B 139 -3.25 26.00 13.69
CA ARG B 139 -2.16 26.72 13.04
C ARG B 139 -0.84 26.26 13.61
N VAL B 140 0.23 26.53 12.86
CA VAL B 140 1.57 26.13 13.29
C VAL B 140 1.97 26.95 14.50
N SER B 141 2.45 26.26 15.54
CA SER B 141 2.89 26.92 16.77
C SER B 141 4.39 27.19 16.76
N ARG B 142 5.19 26.13 16.61
CA ARG B 142 6.64 26.25 16.60
C ARG B 142 7.21 25.33 15.53
N GLU B 143 8.42 25.66 15.08
CA GLU B 143 9.14 24.89 14.06
C GLU B 143 10.57 24.69 14.55
N LEU B 144 10.80 23.55 15.21
CA LEU B 144 12.12 23.23 15.74
C LEU B 144 12.95 22.59 14.62
N ALA B 145 13.92 23.33 14.09
CA ALA B 145 14.76 22.87 12.98
C ALA B 145 16.22 23.07 13.37
N GLY B 146 16.78 22.08 14.06
CA GLY B 146 18.18 22.12 14.43
C GLY B 146 18.91 20.83 14.15
N HIS B 147 18.18 19.78 13.78
CA HIS B 147 18.78 18.49 13.50
C HIS B 147 19.31 18.43 12.08
N THR B 148 20.25 17.52 11.85
CA THR B 148 20.85 17.31 10.54
C THR B 148 20.45 15.99 9.91
N GLY B 149 19.55 15.23 10.54
CA GLY B 149 19.12 13.95 10.01
C GLY B 149 17.63 13.76 10.19
N TYR B 150 17.11 12.77 9.47
CA TYR B 150 15.69 12.47 9.55
C TYR B 150 15.30 12.11 10.98
N LEU B 151 14.20 12.68 11.44
CA LEU B 151 13.73 12.46 12.81
C LEU B 151 13.05 11.09 12.93
N SER B 152 13.15 10.53 14.13
CA SER B 152 12.56 9.23 14.44
C SER B 152 11.37 9.33 15.38
N CYS B 153 11.51 10.06 16.50
CA CYS B 153 10.41 10.17 17.46
C CYS B 153 10.68 11.36 18.36
N CYS B 154 9.81 12.36 18.31
CA CYS B 154 9.82 13.48 19.25
C CYS B 154 8.57 13.41 20.10
N ARG B 155 8.75 13.31 21.42
CA ARG B 155 7.66 13.09 22.36
C ARG B 155 7.62 14.21 23.38
N PHE B 156 6.41 14.57 23.83
CA PHE B 156 6.25 15.63 24.80
C PHE B 156 6.61 15.14 26.20
N LEU B 157 7.32 15.98 26.95
CA LEU B 157 7.51 15.80 28.39
C LEU B 157 6.47 16.56 29.19
N ASP B 158 6.36 17.86 28.96
CA ASP B 158 5.34 18.70 29.57
C ASP B 158 4.83 19.66 28.50
N ASP B 159 4.03 20.64 28.92
CA ASP B 159 3.60 21.68 27.99
C ASP B 159 4.73 22.62 27.60
N ASN B 160 5.89 22.53 28.27
CA ASN B 160 7.01 23.42 28.02
C ASN B 160 8.24 22.73 27.42
N GLN B 161 8.38 21.41 27.60
CA GLN B 161 9.56 20.69 27.14
C GLN B 161 9.15 19.55 26.22
N ILE B 162 10.05 19.23 25.29
CA ILE B 162 9.82 18.16 24.33
C ILE B 162 11.17 17.56 23.94
N VAL B 163 11.22 16.23 23.86
CA VAL B 163 12.43 15.52 23.47
C VAL B 163 12.31 15.14 22.00
N THR B 164 13.45 14.92 21.36
CA THR B 164 13.49 14.60 19.94
C THR B 164 14.51 13.50 19.69
N SER B 165 14.16 12.57 18.81
CA SER B 165 15.04 11.49 18.37
C SER B 165 15.32 11.67 16.89
N SER B 166 16.61 11.73 16.54
CA SER B 166 17.04 12.03 15.18
C SER B 166 17.61 10.79 14.50
N GLY B 167 17.87 10.91 13.21
CA GLY B 167 18.44 9.83 12.43
C GLY B 167 19.93 10.00 12.21
N ASP B 168 20.58 10.83 13.03
CA ASP B 168 22.01 11.10 12.93
C ASP B 168 22.68 10.90 14.28
N THR B 169 22.28 9.85 14.99
CA THR B 169 22.94 9.44 16.25
C THR B 169 22.96 10.58 17.25
N THR B 170 21.79 11.12 17.58
CA THR B 170 21.71 12.16 18.60
C THR B 170 20.27 12.32 19.05
N CYS B 171 20.11 12.76 20.30
CA CYS B 171 18.81 13.09 20.87
C CYS B 171 18.96 14.36 21.68
N ALA B 172 18.03 15.30 21.50
CA ALA B 172 18.13 16.62 22.11
C ALA B 172 16.81 16.99 22.78
N LEU B 173 16.93 17.81 23.82
CA LEU B 173 15.78 18.35 24.55
C LEU B 173 15.52 19.77 24.09
N TRP B 174 14.26 20.10 23.81
CA TRP B 174 13.88 21.38 23.24
C TRP B 174 12.84 22.07 24.11
N ASP B 175 12.98 23.38 24.23
CA ASP B 175 11.97 24.21 24.89
C ASP B 175 11.07 24.83 23.82
N ILE B 176 9.76 24.72 24.02
CA ILE B 176 8.81 25.10 22.98
C ILE B 176 8.89 26.59 22.68
N GLU B 177 8.84 27.41 23.72
CA GLU B 177 8.73 28.86 23.51
C GLU B 177 10.03 29.42 22.93
N THR B 178 11.18 28.99 23.46
CA THR B 178 12.45 29.54 23.01
C THR B 178 12.82 29.02 21.63
N GLY B 179 12.62 27.73 21.38
CA GLY B 179 12.94 27.10 20.12
C GLY B 179 14.35 26.55 20.04
N GLN B 180 15.20 26.85 21.02
CA GLN B 180 16.58 26.38 21.01
C GLN B 180 16.73 25.19 21.96
N GLN B 181 17.45 24.17 21.48
CA GLN B 181 17.66 22.98 22.29
C GLN B 181 18.48 23.31 23.53
N THR B 182 18.12 22.67 24.65
CA THR B 182 18.83 22.88 25.91
C THR B 182 19.94 21.85 26.13
N THR B 183 19.66 20.58 25.83
CA THR B 183 20.61 19.51 26.02
C THR B 183 20.69 18.66 24.76
N THR B 184 21.88 18.13 24.50
CA THR B 184 22.12 17.25 23.35
C THR B 184 22.81 15.98 23.82
N PHE B 185 22.41 14.85 23.25
CA PHE B 185 22.94 13.54 23.60
C PHE B 185 23.65 12.95 22.39
N THR B 186 24.86 12.43 22.61
CA THR B 186 25.66 11.85 21.55
C THR B 186 26.38 10.62 22.10
N GLY B 187 26.75 9.72 21.19
CA GLY B 187 27.46 8.52 21.56
C GLY B 187 27.02 7.29 20.78
N HIS B 188 25.99 7.44 19.94
CA HIS B 188 25.49 6.34 19.12
C HIS B 188 26.27 6.26 17.81
N THR B 189 26.41 5.04 17.31
CA THR B 189 26.99 4.81 16.00
C THR B 189 25.93 4.65 14.92
N GLY B 190 24.85 3.93 15.22
CA GLY B 190 23.73 3.81 14.32
C GLY B 190 22.59 4.74 14.71
N ASP B 191 21.82 5.15 13.71
CA ASP B 191 20.72 6.09 13.95
C ASP B 191 19.70 5.47 14.92
N VAL B 192 19.15 6.32 15.78
CA VAL B 192 18.15 5.88 16.75
C VAL B 192 16.79 5.80 16.08
N MET B 193 16.03 4.75 16.41
CA MET B 193 14.76 4.47 15.75
C MET B 193 13.54 4.78 16.62
N SER B 194 13.62 4.58 17.93
CA SER B 194 12.46 4.72 18.79
C SER B 194 12.86 5.41 20.09
N LEU B 195 11.88 6.03 20.72
CA LEU B 195 12.09 6.74 21.99
C LEU B 195 10.79 6.65 22.79
N SER B 196 10.93 6.30 24.07
CA SER B 196 9.78 6.17 24.97
C SER B 196 10.06 6.94 26.25
N LEU B 197 9.02 7.54 26.81
CA LEU B 197 9.12 8.37 27.99
C LEU B 197 8.53 7.65 29.19
N ALA B 198 9.16 7.81 30.35
CA ALA B 198 8.69 7.19 31.57
C ALA B 198 7.41 7.88 32.06
N PRO B 199 6.60 7.20 32.87
CA PRO B 199 5.37 7.84 33.36
C PRO B 199 5.61 9.12 34.13
N ASP B 200 6.71 9.21 34.88
CA ASP B 200 7.00 10.40 35.67
C ASP B 200 7.70 11.49 34.87
N THR B 201 8.07 11.21 33.61
CA THR B 201 8.74 12.20 32.76
C THR B 201 10.02 12.72 33.41
N ARG B 202 10.75 11.83 34.09
CA ARG B 202 12.02 12.16 34.70
C ARG B 202 13.23 11.54 33.99
N LEU B 203 13.02 10.47 33.24
CA LEU B 203 14.10 9.81 32.52
C LEU B 203 13.49 9.03 31.36
N PHE B 204 14.34 8.71 30.38
CA PHE B 204 13.90 7.97 29.21
C PHE B 204 15.04 7.12 28.69
N VAL B 205 14.69 6.13 27.87
CA VAL B 205 15.64 5.21 27.26
C VAL B 205 15.45 5.26 25.75
N SER B 206 16.56 5.22 25.01
CA SER B 206 16.53 5.29 23.56
C SER B 206 17.26 4.09 22.98
N GLY B 207 16.84 3.69 21.79
CA GLY B 207 17.42 2.55 21.09
C GLY B 207 17.99 2.96 19.75
N ALA B 208 19.02 2.22 19.31
CA ALA B 208 19.70 2.51 18.06
C ALA B 208 19.93 1.21 17.29
N CYS B 209 20.33 1.36 16.03
CA CYS B 209 20.57 0.23 15.15
C CYS B 209 21.82 -0.56 15.53
N ASP B 210 22.50 -0.18 16.60
CA ASP B 210 23.68 -0.91 17.08
C ASP B 210 23.31 -2.10 17.95
N ALA B 211 22.05 -2.53 17.91
CA ALA B 211 21.58 -3.63 18.75
C ALA B 211 21.82 -3.35 20.22
N SER B 212 21.64 -2.08 20.61
CA SER B 212 21.85 -1.66 21.99
C SER B 212 20.93 -0.48 22.28
N ALA B 213 20.71 -0.24 23.57
CA ALA B 213 19.86 0.83 24.04
C ALA B 213 20.57 1.63 25.12
N LYS B 214 20.37 2.94 25.08
CA LYS B 214 21.00 3.87 26.02
C LYS B 214 19.93 4.47 26.92
N LEU B 215 20.16 4.45 28.23
CA LEU B 215 19.29 5.14 29.16
C LEU B 215 19.81 6.55 29.38
N TRP B 216 18.92 7.53 29.23
CA TRP B 216 19.26 8.93 29.33
C TRP B 216 18.45 9.59 30.43
N ASP B 217 19.11 10.44 31.21
CA ASP B 217 18.47 11.17 32.30
C ASP B 217 18.27 12.62 31.87
N VAL B 218 17.03 13.09 31.94
CA VAL B 218 16.69 14.40 31.41
C VAL B 218 17.32 15.50 32.27
N ARG B 219 17.20 15.39 33.59
CA ARG B 219 17.59 16.50 34.47
C ARG B 219 19.08 16.80 34.34
N GLU B 220 19.92 15.76 34.34
CA GLU B 220 21.36 15.99 34.22
C GLU B 220 21.80 16.04 32.76
N GLY B 221 21.32 15.10 31.94
CA GLY B 221 21.59 15.13 30.52
C GLY B 221 22.78 14.30 30.10
N MET B 222 22.90 13.07 30.60
CA MET B 222 23.99 12.20 30.21
C MET B 222 23.54 10.75 30.37
N CYS B 223 24.24 9.85 29.67
CA CYS B 223 23.91 8.44 29.71
C CYS B 223 24.22 7.85 31.08
N ARG B 224 23.49 6.77 31.41
CA ARG B 224 23.62 6.12 32.71
C ARG B 224 24.08 4.67 32.61
N GLN B 225 23.49 3.88 31.72
CA GLN B 225 23.74 2.45 31.73
C GLN B 225 23.50 1.88 30.33
N THR B 226 24.06 0.69 30.09
CA THR B 226 24.09 0.08 28.76
C THR B 226 23.34 -1.24 28.74
N PHE B 227 22.59 -1.46 27.66
CA PHE B 227 21.93 -2.73 27.34
C PHE B 227 22.39 -3.22 25.97
N THR B 228 22.63 -4.54 25.88
CA THR B 228 22.95 -5.21 24.63
C THR B 228 22.28 -6.57 24.64
N GLY B 229 22.43 -7.30 23.54
CA GLY B 229 21.88 -8.64 23.44
C GLY B 229 21.28 -8.97 22.08
N HIS B 230 20.81 -7.95 21.37
CA HIS B 230 20.23 -8.16 20.05
C HIS B 230 21.34 -8.36 19.02
N GLU B 231 20.96 -8.97 17.90
CA GLU B 231 21.87 -9.17 16.77
C GLU B 231 21.59 -8.24 15.60
N SER B 232 20.38 -7.72 15.48
CA SER B 232 20.00 -6.79 14.42
C SER B 232 19.51 -5.49 15.05
N ASP B 233 18.99 -4.61 14.20
CA ASP B 233 18.51 -3.31 14.66
C ASP B 233 17.24 -3.48 15.51
N ILE B 234 17.00 -2.51 16.38
CA ILE B 234 15.81 -2.48 17.24
C ILE B 234 14.91 -1.35 16.76
N ASN B 235 13.61 -1.66 16.64
CA ASN B 235 12.66 -0.75 16.02
C ASN B 235 11.71 -0.08 17.00
N ALA B 236 11.48 -0.64 18.19
CA ALA B 236 10.51 -0.08 19.11
C ALA B 236 10.92 -0.36 20.55
N ILE B 237 10.47 0.51 21.45
CA ILE B 237 10.72 0.38 22.88
C ILE B 237 9.53 0.97 23.62
N CYS B 238 9.17 0.34 24.75
CA CYS B 238 8.06 0.82 25.56
C CYS B 238 8.35 0.52 27.02
N PHE B 239 8.09 1.51 27.88
CA PHE B 239 8.34 1.36 29.31
C PHE B 239 7.25 0.52 29.96
N PHE B 240 7.67 -0.31 30.91
CA PHE B 240 6.71 -1.04 31.73
C PHE B 240 5.91 -0.05 32.59
N PRO B 241 4.64 -0.35 32.87
CA PRO B 241 3.85 0.62 33.67
C PRO B 241 4.48 0.95 35.00
N ASN B 242 5.17 0.00 35.63
CA ASN B 242 5.89 0.29 36.86
C ASN B 242 7.01 1.30 36.63
N GLY B 243 7.53 1.40 35.41
CA GLY B 243 8.59 2.32 35.10
C GLY B 243 9.99 1.82 35.39
N ASN B 244 10.13 0.58 35.86
CA ASN B 244 11.43 0.00 36.16
C ASN B 244 11.92 -0.96 35.09
N ALA B 245 11.20 -1.08 33.97
CA ALA B 245 11.60 -1.99 32.91
C ALA B 245 10.97 -1.52 31.60
N PHE B 246 11.53 -2.01 30.50
CA PHE B 246 10.99 -1.74 29.17
C PHE B 246 11.35 -2.88 28.25
N ALA B 247 10.54 -3.06 27.21
CA ALA B 247 10.70 -4.16 26.25
C ALA B 247 11.18 -3.60 24.92
N THR B 248 12.16 -4.27 24.33
CA THR B 248 12.77 -3.86 23.07
C THR B 248 12.45 -4.88 22.00
N GLY B 249 12.07 -4.39 20.82
CA GLY B 249 11.79 -5.24 19.66
C GLY B 249 12.84 -5.04 18.59
N SER B 250 13.17 -6.12 17.89
CA SER B 250 14.22 -6.10 16.88
C SER B 250 13.70 -6.78 15.61
N ASP B 251 14.52 -6.73 14.56
CA ASP B 251 14.18 -7.33 13.28
C ASP B 251 14.36 -8.84 13.26
N ASP B 252 14.93 -9.41 14.32
CA ASP B 252 15.17 -10.85 14.40
C ASP B 252 13.97 -11.62 14.93
N ALA B 253 12.85 -10.93 15.20
CA ALA B 253 11.64 -11.57 15.71
C ALA B 253 11.84 -12.12 17.12
N THR B 254 12.73 -11.50 17.90
CA THR B 254 13.02 -11.93 19.26
C THR B 254 13.01 -10.69 20.15
N CYS B 255 11.83 -10.34 20.66
CA CYS B 255 11.73 -9.22 21.58
C CYS B 255 12.39 -9.55 22.90
N ARG B 256 13.09 -8.58 23.48
CA ARG B 256 13.81 -8.75 24.74
C ARG B 256 13.32 -7.73 25.74
N LEU B 257 13.11 -8.17 26.98
CA LEU B 257 12.66 -7.31 28.06
C LEU B 257 13.84 -7.03 28.97
N PHE B 258 14.10 -5.74 29.20
CA PHE B 258 15.23 -5.30 30.03
C PHE B 258 14.68 -4.52 31.22
N ASP B 259 15.24 -4.80 32.40
CA ASP B 259 14.80 -4.15 33.64
C ASP B 259 15.81 -3.08 34.03
N LEU B 260 15.31 -1.89 34.34
CA LEU B 260 16.18 -0.81 34.81
C LEU B 260 16.83 -1.15 36.15
N ARG B 261 16.22 -2.03 36.94
CA ARG B 261 16.80 -2.43 38.21
C ARG B 261 17.86 -3.51 38.02
N ALA B 262 17.47 -4.63 37.40
CA ALA B 262 18.42 -5.72 37.19
C ALA B 262 19.52 -5.33 36.22
N ASP B 263 19.22 -4.46 35.27
CA ASP B 263 20.20 -4.03 34.26
C ASP B 263 20.75 -5.22 33.49
N GLN B 264 19.89 -6.18 33.19
CA GLN B 264 20.29 -7.36 32.45
C GLN B 264 19.07 -7.97 31.76
N GLU B 265 19.33 -8.68 30.66
CA GLU B 265 18.26 -9.35 29.94
C GLU B 265 17.62 -10.42 30.82
N LEU B 266 16.29 -10.54 30.71
CA LEU B 266 15.52 -11.43 31.56
C LEU B 266 14.90 -12.59 30.78
N MET B 267 14.15 -12.31 29.71
CA MET B 267 13.59 -13.36 28.88
C MET B 267 13.51 -12.88 27.45
N THR B 268 13.31 -13.82 26.53
CA THR B 268 13.16 -13.55 25.11
C THR B 268 11.82 -14.04 24.62
N TYR B 269 11.16 -13.25 23.78
CA TYR B 269 9.89 -13.60 23.17
C TYR B 269 10.17 -14.01 21.72
N SER B 270 10.37 -15.30 21.51
CA SER B 270 10.73 -15.83 20.20
C SER B 270 9.87 -17.04 19.88
N HIS B 271 9.68 -17.29 18.58
CA HIS B 271 8.91 -18.42 18.11
C HIS B 271 9.41 -18.80 16.72
N ASP B 272 9.51 -20.10 16.47
CA ASP B 272 10.02 -20.58 15.19
C ASP B 272 9.10 -20.19 14.03
N ASN B 273 7.80 -20.04 14.28
CA ASN B 273 6.86 -19.74 13.21
C ASN B 273 7.02 -18.32 12.67
N ILE B 274 7.68 -17.43 13.39
CA ILE B 274 7.86 -16.04 12.99
C ILE B 274 9.30 -15.85 12.52
N ILE B 275 9.46 -15.27 11.34
CA ILE B 275 10.79 -14.99 10.78
C ILE B 275 10.92 -13.50 10.50
N CYS B 276 9.79 -12.80 10.47
CA CYS B 276 9.76 -11.37 10.18
C CYS B 276 9.94 -10.57 11.46
N GLY B 277 10.42 -9.34 11.30
CA GLY B 277 10.74 -8.48 12.41
C GLY B 277 9.50 -7.89 13.07
N ILE B 278 9.74 -6.91 13.93
CA ILE B 278 8.70 -6.23 14.68
C ILE B 278 8.80 -4.73 14.40
N THR B 279 7.67 -4.04 14.55
CA THR B 279 7.59 -2.62 14.27
C THR B 279 7.29 -1.77 15.50
N SER B 280 6.29 -2.16 16.30
CA SER B 280 5.92 -1.40 17.48
C SER B 280 5.57 -2.34 18.63
N VAL B 281 5.80 -1.88 19.84
CA VAL B 281 5.52 -2.63 21.05
C VAL B 281 4.79 -1.72 22.03
N SER B 282 3.98 -2.33 22.90
CA SER B 282 3.24 -1.57 23.90
C SER B 282 2.88 -2.50 25.05
N PHE B 283 2.61 -1.90 26.20
CA PHE B 283 2.24 -2.61 27.41
C PHE B 283 0.81 -2.29 27.81
N SER B 284 0.27 -3.10 28.72
CA SER B 284 -1.06 -2.88 29.26
C SER B 284 -1.00 -1.99 30.49
N LYS B 285 -2.18 -1.68 31.05
CA LYS B 285 -2.24 -0.80 32.21
C LYS B 285 -1.50 -1.41 33.40
N SER B 286 -1.72 -2.70 33.66
CA SER B 286 -1.04 -3.39 34.76
C SER B 286 0.26 -4.04 34.32
N GLY B 287 0.56 -4.08 33.02
CA GLY B 287 1.76 -4.72 32.54
C GLY B 287 1.70 -6.22 32.48
N ARG B 288 0.55 -6.83 32.74
CA ARG B 288 0.43 -8.27 32.69
C ARG B 288 0.58 -8.80 31.27
N LEU B 289 0.07 -8.08 30.28
CA LEU B 289 0.16 -8.48 28.89
C LEU B 289 0.67 -7.31 28.06
N LEU B 290 1.39 -7.62 26.99
CA LEU B 290 1.97 -6.62 26.11
C LEU B 290 1.65 -6.96 24.67
N LEU B 291 1.51 -5.93 23.85
CA LEU B 291 1.19 -6.07 22.43
C LEU B 291 2.46 -5.98 21.60
N ALA B 292 2.40 -6.55 20.40
CA ALA B 292 3.53 -6.55 19.49
C ALA B 292 3.01 -6.54 18.06
N GLY B 293 3.53 -5.62 17.25
CA GLY B 293 3.15 -5.52 15.85
C GLY B 293 4.23 -5.99 14.91
N TYR B 294 4.03 -7.14 14.29
CA TYR B 294 5.00 -7.72 13.39
C TYR B 294 4.70 -7.30 11.94
N ASP B 295 5.53 -7.78 11.02
CA ASP B 295 5.36 -7.48 9.60
C ASP B 295 4.43 -8.45 8.89
N ASP B 296 3.84 -9.40 9.62
CA ASP B 296 2.92 -10.37 9.03
C ASP B 296 1.45 -9.94 9.17
N PHE B 297 1.19 -8.64 9.16
CA PHE B 297 -0.15 -8.08 9.31
C PHE B 297 -0.91 -8.76 10.45
N ASN B 298 -0.20 -9.16 11.50
CA ASN B 298 -0.81 -9.76 12.68
C ASN B 298 -0.12 -9.24 13.92
N CYS B 299 -0.93 -8.95 14.95
CA CYS B 299 -0.43 -8.52 16.25
C CYS B 299 -0.56 -9.66 17.24
N ASN B 300 0.52 -9.94 17.96
CA ASN B 300 0.57 -11.06 18.90
C ASN B 300 0.43 -10.54 20.32
N VAL B 301 -0.52 -11.12 21.07
CA VAL B 301 -0.73 -10.73 22.47
C VAL B 301 0.18 -11.64 23.29
N TRP B 302 1.43 -11.21 23.43
CA TRP B 302 2.38 -11.96 24.24
C TRP B 302 2.07 -11.79 25.71
N ASP B 303 2.30 -12.86 26.49
CA ASP B 303 2.14 -12.79 27.93
C ASP B 303 3.44 -12.32 28.57
N ALA B 304 3.34 -11.31 29.43
CA ALA B 304 4.55 -10.75 30.05
C ALA B 304 5.27 -11.78 30.91
N LEU B 305 4.53 -12.62 31.64
CA LEU B 305 5.14 -13.56 32.58
C LEU B 305 5.57 -14.86 31.89
N LYS B 306 4.61 -15.56 31.28
CA LYS B 306 4.91 -16.85 30.67
C LYS B 306 5.66 -16.71 29.36
N ALA B 307 5.68 -15.52 28.77
CA ALA B 307 6.35 -15.28 27.49
C ALA B 307 5.78 -16.18 26.40
N ASP B 308 4.48 -16.46 26.48
CA ASP B 308 3.79 -17.29 25.50
C ASP B 308 2.84 -16.42 24.68
N ARG B 309 2.21 -17.05 23.69
CA ARG B 309 1.28 -16.37 22.78
C ARG B 309 -0.13 -16.63 23.26
N ALA B 310 -0.86 -15.56 23.61
CA ALA B 310 -2.17 -15.67 24.21
C ALA B 310 -3.30 -15.12 23.35
N GLY B 311 -2.99 -14.40 22.27
CA GLY B 311 -4.03 -13.81 21.45
C GLY B 311 -3.49 -13.53 20.07
N VAL B 312 -4.39 -13.58 19.08
CA VAL B 312 -4.05 -13.32 17.70
C VAL B 312 -5.02 -12.27 17.16
N LEU B 313 -4.49 -11.23 16.54
CA LEU B 313 -5.27 -10.16 15.95
C LEU B 313 -5.04 -10.14 14.45
N ALA B 314 -6.12 -10.07 13.67
CA ALA B 314 -6.05 -10.02 12.21
C ALA B 314 -6.91 -8.87 11.71
N GLY B 315 -6.95 -8.72 10.39
CA GLY B 315 -7.73 -7.68 9.75
C GLY B 315 -6.90 -6.64 9.01
N HIS B 316 -5.59 -6.82 8.93
CA HIS B 316 -4.71 -5.88 8.24
C HIS B 316 -4.22 -6.53 6.95
N ASP B 317 -4.07 -5.71 5.91
CA ASP B 317 -3.75 -6.21 4.58
C ASP B 317 -2.26 -6.32 4.33
N ASN B 318 -1.49 -5.27 4.64
CA ASN B 318 -0.09 -5.20 4.26
C ASN B 318 0.85 -5.34 5.45
N ARG B 319 0.71 -4.50 6.47
CA ARG B 319 1.66 -4.51 7.59
C ARG B 319 1.12 -3.65 8.71
N VAL B 320 1.48 -4.01 9.94
CA VAL B 320 1.12 -3.23 11.12
C VAL B 320 2.27 -2.29 11.44
N SER B 321 1.98 -0.99 11.48
CA SER B 321 3.01 0.02 11.68
C SER B 321 3.09 0.54 13.10
N CYS B 322 1.96 0.74 13.77
CA CYS B 322 1.97 1.32 15.10
C CYS B 322 0.77 0.79 15.89
N LEU B 323 0.90 0.85 17.22
CA LEU B 323 -0.17 0.45 18.12
C LEU B 323 0.11 1.04 19.48
N GLY B 324 -0.97 1.41 20.17
CA GLY B 324 -0.84 2.03 21.49
C GLY B 324 -2.04 1.68 22.36
N VAL B 325 -1.78 1.59 23.66
CA VAL B 325 -2.80 1.28 24.65
C VAL B 325 -3.21 2.55 25.37
N THR B 326 -4.49 2.64 25.71
CA THR B 326 -4.99 3.80 26.45
C THR B 326 -4.39 3.84 27.86
N ASP B 327 -4.32 5.04 28.42
CA ASP B 327 -3.84 5.18 29.79
C ASP B 327 -4.74 4.43 30.76
N ASP B 328 -6.05 4.51 30.56
CA ASP B 328 -7.00 3.78 31.39
C ASP B 328 -7.02 2.28 31.10
N GLY B 329 -6.41 1.85 30.00
CA GLY B 329 -6.46 0.46 29.62
C GLY B 329 -7.78 0.00 29.06
N MET B 330 -8.68 0.93 28.73
CA MET B 330 -10.02 0.55 28.28
C MET B 330 -9.98 -0.17 26.94
N ALA B 331 -9.07 0.22 26.06
CA ALA B 331 -8.96 -0.40 24.74
C ALA B 331 -7.57 -0.14 24.18
N VAL B 332 -7.27 -0.80 23.06
CA VAL B 332 -6.00 -0.66 22.37
C VAL B 332 -6.26 -0.40 20.90
N ALA B 333 -5.48 0.50 20.31
CA ALA B 333 -5.60 0.87 18.90
C ALA B 333 -4.35 0.43 18.15
N THR B 334 -4.55 -0.01 16.91
CA THR B 334 -3.45 -0.45 16.05
C THR B 334 -3.59 0.19 14.68
N GLY B 335 -2.45 0.46 14.06
CA GLY B 335 -2.41 1.07 12.73
C GLY B 335 -1.66 0.19 11.76
N SER B 336 -2.09 0.22 10.50
CA SER B 336 -1.49 -0.59 9.44
C SER B 336 -1.26 0.29 8.22
N TRP B 337 -0.64 -0.31 7.20
CA TRP B 337 -0.33 0.39 5.96
C TRP B 337 -1.51 0.43 4.99
N ASP B 338 -2.70 0.05 5.45
CA ASP B 338 -3.90 0.10 4.63
C ASP B 338 -4.78 1.30 4.94
N SER B 339 -4.25 2.26 5.71
CA SER B 339 -5.00 3.46 6.08
C SER B 339 -6.23 3.12 6.91
N PHE B 340 -6.19 2.02 7.64
CA PHE B 340 -7.29 1.57 8.48
C PHE B 340 -6.80 1.44 9.92
N LEU B 341 -7.50 2.09 10.84
CA LEU B 341 -7.21 2.01 12.26
C LEU B 341 -8.24 1.10 12.93
N LYS B 342 -7.77 0.03 13.56
CA LYS B 342 -8.63 -0.94 14.23
C LYS B 342 -8.53 -0.75 15.73
N ILE B 343 -9.68 -0.63 16.39
CA ILE B 343 -9.74 -0.43 17.84
C ILE B 343 -10.12 -1.76 18.46
N TRP B 344 -9.18 -2.37 19.18
CA TRP B 344 -9.40 -3.65 19.83
C TRP B 344 -9.61 -3.47 21.32
N ASN B 345 -10.38 -4.38 21.90
CA ASN B 345 -10.68 -4.33 23.34
C ASN B 345 -10.87 -5.74 23.88
N GLN C 18 33.08 8.40 33.18
CA GLN C 18 31.71 7.97 32.78
C GLN C 18 31.35 6.64 33.45
N LEU C 19 32.03 5.58 33.02
CA LEU C 19 31.74 4.25 33.56
C LEU C 19 32.10 4.16 35.04
N LYS C 20 33.07 4.95 35.50
CA LYS C 20 33.51 4.86 36.89
C LYS C 20 32.36 5.19 37.84
N MET C 21 31.62 6.26 37.56
CA MET C 21 30.49 6.61 38.41
C MET C 21 29.30 5.69 38.15
N GLU C 22 29.13 5.23 36.92
CA GLU C 22 28.02 4.34 36.60
C GLU C 22 28.15 3.01 37.34
N ALA C 23 29.38 2.55 37.57
CA ALA C 23 29.58 1.28 38.27
C ALA C 23 29.03 1.35 39.69
N ASN C 24 29.26 2.46 40.38
CA ASN C 24 28.84 2.62 41.78
C ASN C 24 27.33 2.85 41.81
N ILE C 25 26.57 1.78 41.98
CA ILE C 25 25.12 1.84 42.06
C ILE C 25 24.63 0.76 43.02
N ASP C 26 23.52 1.05 43.70
CA ASP C 26 22.91 0.09 44.62
C ASP C 26 22.49 -1.14 43.84
N ARG C 27 23.12 -2.28 44.11
CA ARG C 27 22.87 -3.51 43.38
C ARG C 27 21.93 -4.39 44.19
N ILE C 28 20.78 -4.73 43.60
CA ILE C 28 19.80 -5.60 44.22
C ILE C 28 19.72 -6.89 43.39
N LYS C 29 19.22 -7.94 44.04
CA LYS C 29 19.10 -9.23 43.38
C LYS C 29 18.15 -9.16 42.20
N VAL C 30 18.48 -9.90 41.14
CA VAL C 30 17.59 -9.98 39.99
C VAL C 30 16.29 -10.69 40.37
N SER C 31 16.37 -11.68 41.25
CA SER C 31 15.17 -12.33 41.75
C SER C 31 14.28 -11.35 42.49
N LYS C 32 14.88 -10.38 43.20
CA LYS C 32 14.08 -9.34 43.84
C LYS C 32 13.32 -8.52 42.81
N ALA C 33 13.97 -8.17 41.70
CA ALA C 33 13.29 -7.44 40.64
C ALA C 33 12.17 -8.27 40.04
N ALA C 34 12.40 -9.57 39.83
CA ALA C 34 11.35 -10.44 39.31
C ALA C 34 10.16 -10.50 40.25
N ALA C 35 10.43 -10.62 41.56
CA ALA C 35 9.35 -10.65 42.54
C ALA C 35 8.58 -9.34 42.55
N ASP C 36 9.29 -8.21 42.45
CA ASP C 36 8.62 -6.92 42.40
C ASP C 36 7.73 -6.82 41.17
N LEU C 37 8.24 -7.28 40.02
CA LEU C 37 7.43 -7.25 38.80
C LEU C 37 6.18 -8.11 38.94
N MET C 38 6.33 -9.31 39.52
CA MET C 38 5.18 -10.17 39.73
C MET C 38 4.17 -9.52 40.67
N ALA C 39 4.65 -8.89 41.75
CA ALA C 39 3.76 -8.23 42.68
C ALA C 39 3.01 -7.09 42.00
N TYR C 40 3.71 -6.30 41.18
CA TYR C 40 3.05 -5.22 40.45
C TYR C 40 2.01 -5.77 39.49
N CYS C 41 2.34 -6.85 38.79
CA CYS C 41 1.40 -7.44 37.83
C CYS C 41 0.14 -7.92 38.54
N GLU C 42 0.29 -8.59 39.68
CA GLU C 42 -0.87 -9.11 40.39
C GLU C 42 -1.61 -8.06 41.20
N ALA C 43 -1.00 -6.89 41.45
CA ALA C 43 -1.64 -5.86 42.25
C ALA C 43 -2.77 -5.18 41.49
N HIS C 44 -2.55 -4.84 40.22
CA HIS C 44 -3.51 -4.12 39.41
C HIS C 44 -4.17 -5.01 38.36
N ALA C 45 -4.15 -6.33 38.54
CA ALA C 45 -4.77 -7.23 37.59
C ALA C 45 -6.28 -7.09 37.56
N LYS C 46 -6.88 -6.53 38.61
CA LYS C 46 -8.34 -6.39 38.65
C LYS C 46 -8.81 -5.27 37.74
N GLU C 47 -7.97 -4.28 37.46
CA GLU C 47 -8.33 -3.12 36.67
C GLU C 47 -7.84 -3.22 35.23
N ASP C 48 -7.85 -4.42 34.65
CA ASP C 48 -7.38 -4.63 33.29
C ASP C 48 -8.55 -5.03 32.40
N PRO C 49 -9.21 -4.09 31.71
CA PRO C 49 -10.27 -4.48 30.77
C PRO C 49 -9.79 -5.41 29.67
N LEU C 50 -8.54 -5.26 29.21
CA LEU C 50 -8.02 -6.14 28.18
C LEU C 50 -7.83 -7.55 28.70
N LEU C 51 -7.43 -7.70 29.97
CA LEU C 51 -7.21 -9.03 30.53
C LEU C 51 -8.52 -9.79 30.66
N THR C 52 -9.45 -9.27 31.45
CA THR C 52 -10.75 -9.89 31.64
C THR C 52 -11.75 -9.30 30.64
N PRO C 53 -12.44 -10.12 29.84
CA PRO C 53 -13.37 -9.54 28.84
C PRO C 53 -14.50 -8.77 29.50
N VAL C 54 -14.51 -7.46 29.31
CA VAL C 54 -15.54 -6.61 29.93
C VAL C 54 -16.87 -6.84 29.23
N PRO C 55 -17.97 -7.09 29.95
CA PRO C 55 -19.26 -7.23 29.28
C PRO C 55 -19.72 -5.92 28.65
N ALA C 56 -20.60 -6.06 27.66
CA ALA C 56 -21.08 -4.91 26.90
C ALA C 56 -21.87 -3.93 27.73
N SER C 57 -22.30 -4.31 28.94
CA SER C 57 -23.12 -3.41 29.76
C SER C 57 -22.37 -2.13 30.09
N GLU C 58 -21.15 -2.24 30.62
CA GLU C 58 -20.36 -1.09 30.99
C GLU C 58 -19.26 -0.75 29.98
N ASN C 59 -19.17 -1.50 28.89
CA ASN C 59 -18.16 -1.23 27.89
C ASN C 59 -18.60 -0.05 27.04
N PRO C 60 -17.83 1.05 26.97
CA PRO C 60 -18.26 2.20 26.16
C PRO C 60 -18.13 1.99 24.66
N PHE C 61 -17.63 0.83 24.22
CA PHE C 61 -17.47 0.54 22.80
C PHE C 61 -18.67 -0.19 22.22
N ARG C 62 -19.84 -0.01 22.82
CA ARG C 62 -21.06 -0.68 22.38
C ARG C 62 -22.08 0.32 21.84
N TYR D 156 -36.68 -38.16 -19.72
CA TYR D 156 -36.10 -37.25 -20.74
C TYR D 156 -36.06 -35.82 -20.24
N GLN D 157 -37.18 -35.37 -19.65
CA GLN D 157 -37.25 -34.01 -19.15
C GLN D 157 -36.23 -33.78 -18.04
N VAL D 158 -36.07 -34.75 -17.13
CA VAL D 158 -35.17 -34.58 -16.01
C VAL D 158 -33.72 -34.46 -16.48
N ILE D 159 -33.36 -35.17 -17.54
CA ILE D 159 -31.97 -35.15 -18.02
C ILE D 159 -31.56 -33.73 -18.38
N THR D 160 -32.42 -33.02 -19.13
CA THR D 160 -32.12 -31.64 -19.49
C THR D 160 -32.36 -30.68 -18.33
N SER D 161 -33.34 -30.99 -17.48
CA SER D 161 -33.62 -30.11 -16.34
C SER D 161 -32.44 -30.03 -15.40
N LEU D 162 -31.80 -31.16 -15.11
CA LEU D 162 -30.64 -31.15 -14.23
C LEU D 162 -29.49 -30.35 -14.83
N LEU D 163 -29.24 -30.51 -16.13
CA LEU D 163 -28.17 -29.76 -16.78
C LEU D 163 -28.46 -28.26 -16.74
N LEU D 164 -29.70 -27.87 -17.01
CA LEU D 164 -30.05 -26.45 -16.96
C LEU D 164 -29.92 -25.92 -15.53
N GLY D 165 -30.38 -26.69 -14.55
CA GLY D 165 -30.24 -26.26 -13.17
C GLY D 165 -28.78 -26.03 -12.81
N THR D 166 -27.91 -26.96 -13.21
CA THR D 166 -26.48 -26.79 -12.95
C THR D 166 -25.94 -25.55 -13.65
N LEU D 167 -26.37 -25.32 -14.90
CA LEU D 167 -25.87 -24.15 -15.65
C LEU D 167 -26.21 -22.85 -14.93
N ILE D 168 -27.50 -22.66 -14.62
CA ILE D 168 -27.88 -21.43 -13.92
C ILE D 168 -27.27 -21.37 -12.53
N PHE D 169 -27.16 -22.50 -11.84
CA PHE D 169 -26.59 -22.48 -10.49
C PHE D 169 -25.14 -22.00 -10.52
N CYS D 170 -24.32 -22.55 -11.43
CA CYS D 170 -22.93 -22.14 -11.48
C CYS D 170 -22.80 -20.70 -11.99
N ALA D 171 -23.64 -20.29 -12.94
CA ALA D 171 -23.59 -18.90 -13.39
C ALA D 171 -23.89 -17.95 -12.25
N VAL D 172 -24.95 -18.24 -11.48
CA VAL D 172 -25.31 -17.39 -10.36
C VAL D 172 -24.20 -17.38 -9.31
N LEU D 173 -23.62 -18.55 -9.03
CA LEU D 173 -22.54 -18.61 -8.05
C LEU D 173 -21.36 -17.76 -8.49
N GLY D 174 -20.97 -17.87 -9.76
CA GLY D 174 -19.84 -17.08 -10.24
C GLY D 174 -20.10 -15.59 -10.17
N ASN D 175 -21.29 -15.17 -10.64
CA ASN D 175 -21.59 -13.74 -10.61
C ASN D 175 -21.67 -13.21 -9.18
N ALA D 176 -22.30 -13.96 -8.28
CA ALA D 176 -22.40 -13.55 -6.90
C ALA D 176 -21.02 -13.47 -6.25
N CYS D 177 -20.15 -14.44 -6.54
CA CYS D 177 -18.80 -14.41 -5.98
C CYS D 177 -18.04 -13.19 -6.49
N VAL D 178 -18.15 -12.89 -7.78
CA VAL D 178 -17.47 -11.72 -8.33
C VAL D 178 -17.98 -10.44 -7.65
N VAL D 179 -19.30 -10.32 -7.52
CA VAL D 179 -19.88 -9.11 -6.93
C VAL D 179 -19.44 -8.97 -5.48
N ALA D 180 -19.48 -10.07 -4.72
CA ALA D 180 -19.09 -10.02 -3.32
C ALA D 180 -17.62 -9.66 -3.17
N ALA D 181 -16.76 -10.26 -4.01
CA ALA D 181 -15.33 -9.96 -3.93
C ALA D 181 -15.07 -8.50 -4.25
N ILE D 182 -15.75 -7.95 -5.26
CA ILE D 182 -15.58 -6.54 -5.57
C ILE D 182 -16.04 -5.67 -4.42
N ALA D 183 -17.18 -6.02 -3.81
CA ALA D 183 -17.76 -5.19 -2.76
C ALA D 183 -16.88 -5.19 -1.52
N LEU D 184 -16.41 -6.36 -1.10
CA LEU D 184 -15.71 -6.48 0.18
C LEU D 184 -14.24 -6.09 0.11
N GLU D 185 -13.69 -5.88 -1.09
CA GLU D 185 -12.29 -5.54 -1.26
C GLU D 185 -12.14 -4.05 -1.44
N ARG D 186 -11.22 -3.45 -0.68
CA ARG D 186 -10.92 -2.03 -0.81
C ARG D 186 -9.80 -1.76 -1.82
N SER D 187 -9.03 -2.78 -2.18
CA SER D 187 -7.98 -2.64 -3.18
C SER D 187 -8.47 -2.87 -4.60
N LEU D 188 -9.71 -3.34 -4.77
CA LEU D 188 -10.30 -3.58 -6.08
C LEU D 188 -11.23 -2.45 -6.51
N GLN D 189 -11.25 -1.34 -5.78
CA GLN D 189 -12.14 -0.23 -6.09
C GLN D 189 -11.48 0.67 -7.15
N ASN D 190 -11.36 0.10 -8.35
CA ASN D 190 -10.79 0.80 -9.49
C ASN D 190 -11.88 1.10 -10.51
N VAL D 191 -11.55 1.97 -11.46
CA VAL D 191 -12.52 2.36 -12.48
C VAL D 191 -12.90 1.15 -13.33
N ALA D 192 -11.91 0.39 -13.80
CA ALA D 192 -12.20 -0.79 -14.60
C ALA D 192 -12.93 -1.84 -13.78
N ASN D 193 -12.52 -2.02 -12.51
CA ASN D 193 -13.21 -2.99 -11.67
C ASN D 193 -14.67 -2.60 -11.45
N TYR D 194 -14.98 -1.31 -11.48
CA TYR D 194 -16.39 -0.89 -11.41
C TYR D 194 -17.17 -1.38 -12.62
N LEU D 195 -16.58 -1.27 -13.81
CA LEU D 195 -17.22 -1.79 -15.01
C LEU D 195 -17.39 -3.31 -14.92
N ILE D 196 -16.37 -4.00 -14.42
CA ILE D 196 -16.47 -5.45 -14.28
C ILE D 196 -17.58 -5.82 -13.30
N GLY D 197 -17.69 -5.06 -12.20
CA GLY D 197 -18.74 -5.33 -11.24
C GLY D 197 -20.12 -5.06 -11.80
N SER D 198 -20.28 -4.00 -12.59
CA SER D 198 -21.56 -3.74 -13.23
C SER D 198 -21.91 -4.86 -14.21
N LEU D 199 -20.93 -5.35 -14.96
CA LEU D 199 -21.17 -6.49 -15.85
C LEU D 199 -21.59 -7.72 -15.05
N ALA D 200 -20.93 -7.97 -13.92
CA ALA D 200 -21.29 -9.10 -13.09
C ALA D 200 -22.71 -8.96 -12.55
N VAL D 201 -23.09 -7.75 -12.16
CA VAL D 201 -24.45 -7.50 -11.67
C VAL D 201 -25.47 -7.77 -12.77
N THR D 202 -25.18 -7.30 -13.99
CA THR D 202 -26.10 -7.54 -15.10
C THR D 202 -26.23 -9.04 -15.38
N ASP D 203 -25.10 -9.76 -15.36
CA ASP D 203 -25.15 -11.20 -15.58
C ASP D 203 -25.91 -11.91 -14.48
N LEU D 204 -25.76 -11.45 -13.24
CA LEU D 204 -26.51 -12.03 -12.13
C LEU D 204 -28.01 -11.80 -12.31
N MET D 205 -28.40 -10.61 -12.75
CA MET D 205 -29.81 -10.36 -13.04
C MET D 205 -30.31 -11.28 -14.15
N VAL D 206 -29.50 -11.47 -15.19
CA VAL D 206 -29.88 -12.38 -16.27
C VAL D 206 -30.09 -13.78 -15.71
N SER D 207 -29.17 -14.24 -14.86
CA SER D 207 -29.22 -15.61 -14.36
C SER D 207 -30.38 -15.81 -13.39
N VAL D 208 -30.75 -14.78 -12.63
CA VAL D 208 -31.77 -14.93 -11.61
C VAL D 208 -33.17 -14.73 -12.18
N LEU D 209 -33.36 -13.75 -13.08
CA LEU D 209 -34.68 -13.42 -13.59
C LEU D 209 -35.02 -14.18 -14.86
N VAL D 210 -34.17 -14.08 -15.88
CA VAL D 210 -34.51 -14.55 -17.21
C VAL D 210 -34.25 -16.05 -17.37
N LEU D 211 -33.06 -16.51 -16.97
CA LEU D 211 -32.69 -17.90 -17.26
C LEU D 211 -33.66 -18.92 -16.67
N PRO D 212 -34.13 -18.81 -15.42
CA PRO D 212 -35.06 -19.84 -14.92
C PRO D 212 -36.33 -19.96 -15.74
N MET D 213 -36.92 -18.83 -16.16
CA MET D 213 -38.14 -18.91 -16.96
C MET D 213 -37.86 -19.46 -18.35
N ALA D 214 -36.71 -19.11 -18.93
CA ALA D 214 -36.34 -19.68 -20.22
C ALA D 214 -36.16 -21.20 -20.12
N ALA D 215 -35.55 -21.66 -19.04
CA ALA D 215 -35.39 -23.09 -18.83
C ALA D 215 -36.74 -23.77 -18.64
N LEU D 216 -37.65 -23.14 -17.90
CA LEU D 216 -38.98 -23.69 -17.75
C LEU D 216 -39.69 -23.80 -19.09
N TYR D 217 -39.59 -22.76 -19.92
CA TYR D 217 -40.19 -22.81 -21.26
C TYR D 217 -39.58 -23.92 -22.09
N GLN D 218 -38.25 -24.05 -22.02
CA GLN D 218 -37.46 -25.04 -22.79
C GLN D 218 -37.89 -26.46 -22.40
N VAL D 219 -38.04 -26.74 -21.11
CA VAL D 219 -38.38 -28.08 -20.62
C VAL D 219 -39.86 -28.39 -20.86
N LEU D 220 -40.75 -27.43 -20.62
CA LEU D 220 -42.17 -27.64 -20.85
C LEU D 220 -42.57 -27.47 -22.31
N ASN D 221 -41.71 -26.88 -23.13
CA ASN D 221 -41.96 -26.67 -24.56
C ASN D 221 -43.13 -25.74 -24.83
N LYS D 222 -43.71 -25.13 -23.80
CA LYS D 222 -44.85 -24.24 -23.96
C LYS D 222 -44.85 -23.23 -22.84
N TRP D 223 -45.52 -22.11 -23.07
CA TRP D 223 -45.64 -21.04 -22.08
C TRP D 223 -46.96 -21.21 -21.33
N THR D 224 -46.88 -21.56 -20.05
CA THR D 224 -48.05 -21.74 -19.21
C THR D 224 -48.28 -20.57 -18.27
N LEU D 225 -47.48 -19.51 -18.36
CA LEU D 225 -47.58 -18.37 -17.45
C LEU D 225 -48.37 -17.20 -18.03
N GLY D 226 -48.85 -17.32 -19.26
CA GLY D 226 -49.72 -16.32 -19.84
C GLY D 226 -48.97 -15.21 -20.56
N GLN D 227 -49.74 -14.43 -21.33
CA GLN D 227 -49.17 -13.35 -22.12
C GLN D 227 -48.63 -12.22 -21.24
N VAL D 228 -49.27 -11.98 -20.10
CA VAL D 228 -48.80 -10.94 -19.19
C VAL D 228 -47.38 -11.23 -18.76
N THR D 229 -47.11 -12.49 -18.40
CA THR D 229 -45.74 -12.87 -18.02
C THR D 229 -44.83 -12.97 -19.24
N CYS D 230 -45.38 -13.36 -20.40
CA CYS D 230 -44.55 -13.46 -21.60
C CYS D 230 -43.98 -12.11 -21.99
N ASP D 231 -44.79 -11.06 -21.92
CA ASP D 231 -44.31 -9.73 -22.28
C ASP D 231 -43.18 -9.29 -21.36
N LEU D 232 -43.36 -9.49 -20.05
CA LEU D 232 -42.31 -9.13 -19.10
C LEU D 232 -41.04 -9.94 -19.36
N PHE D 233 -41.20 -11.24 -19.62
CA PHE D 233 -40.04 -12.08 -19.88
C PHE D 233 -39.27 -11.59 -21.11
N ILE D 234 -39.98 -11.31 -22.20
CA ILE D 234 -39.32 -10.86 -23.42
C ILE D 234 -38.61 -9.53 -23.19
N ALA D 235 -39.31 -8.58 -22.56
CA ALA D 235 -38.72 -7.27 -22.33
C ALA D 235 -37.48 -7.36 -21.45
N LEU D 236 -37.57 -8.11 -20.35
CA LEU D 236 -36.42 -8.24 -19.46
C LEU D 236 -35.26 -8.94 -20.14
N ASP D 237 -35.55 -10.01 -20.90
CA ASP D 237 -34.49 -10.70 -21.62
C ASP D 237 -33.77 -9.74 -22.56
N VAL D 238 -34.53 -9.01 -23.38
CA VAL D 238 -33.90 -8.11 -24.34
C VAL D 238 -33.08 -7.04 -23.62
N LEU D 239 -33.66 -6.42 -22.60
CA LEU D 239 -32.97 -5.34 -21.89
C LEU D 239 -31.68 -5.83 -21.26
N CYS D 240 -31.76 -6.91 -20.47
CA CYS D 240 -30.58 -7.41 -19.78
C CYS D 240 -29.52 -7.94 -20.73
N CYS D 241 -29.91 -8.65 -21.80
CA CYS D 241 -28.92 -9.12 -22.76
C CYS D 241 -28.24 -7.98 -23.49
N THR D 242 -28.99 -6.95 -23.90
CA THR D 242 -28.35 -5.80 -24.53
C THR D 242 -27.40 -5.09 -23.58
N SER D 243 -27.82 -4.93 -22.32
CA SER D 243 -26.96 -4.28 -21.33
C SER D 243 -25.68 -5.08 -21.10
N SER D 244 -25.79 -6.40 -21.01
CA SER D 244 -24.60 -7.23 -20.84
C SER D 244 -23.69 -7.17 -22.06
N ILE D 245 -24.26 -7.17 -23.26
CA ILE D 245 -23.45 -7.10 -24.46
C ILE D 245 -22.70 -5.78 -24.53
N TRP D 246 -23.38 -4.66 -24.23
CA TRP D 246 -22.74 -3.36 -24.37
C TRP D 246 -21.66 -3.13 -23.33
N HIS D 247 -21.67 -3.87 -22.22
CA HIS D 247 -20.63 -3.70 -21.21
C HIS D 247 -19.27 -4.14 -21.73
N LEU D 248 -19.23 -5.16 -22.59
CA LEU D 248 -17.97 -5.56 -23.18
C LEU D 248 -17.37 -4.42 -24.01
N CYS D 249 -18.20 -3.77 -24.81
CA CYS D 249 -17.72 -2.65 -25.62
C CYS D 249 -17.31 -1.49 -24.73
N ALA D 250 -18.05 -1.25 -23.63
CA ALA D 250 -17.66 -0.20 -22.71
C ALA D 250 -16.28 -0.48 -22.10
N ILE D 251 -16.04 -1.74 -21.70
CA ILE D 251 -14.75 -2.10 -21.14
C ILE D 251 -13.65 -1.95 -22.19
N ALA D 252 -13.95 -2.32 -23.44
CA ALA D 252 -12.97 -2.15 -24.51
C ALA D 252 -12.62 -0.68 -24.71
N LEU D 253 -13.63 0.19 -24.69
CA LEU D 253 -13.36 1.62 -24.81
C LEU D 253 -12.54 2.13 -23.64
N ASP D 254 -12.85 1.68 -22.43
CA ASP D 254 -12.07 2.10 -21.26
C ASP D 254 -10.62 1.67 -21.40
N ARG D 255 -10.39 0.42 -21.83
CA ARG D 255 -9.02 -0.06 -22.01
C ARG D 255 -8.30 0.74 -23.09
N TYR D 256 -8.99 1.05 -24.19
CA TYR D 256 -8.38 1.83 -25.25
C TYR D 256 -7.97 3.21 -24.75
N TRP D 257 -8.85 3.86 -23.98
CA TRP D 257 -8.52 5.16 -23.41
C TRP D 257 -7.33 5.06 -22.46
N ALA D 258 -7.32 4.03 -21.62
CA ALA D 258 -6.22 3.87 -20.67
C ALA D 258 -4.89 3.66 -21.36
N ILE D 259 -4.89 2.86 -22.44
CA ILE D 259 -3.64 2.51 -23.09
C ILE D 259 -3.14 3.64 -23.97
N THR D 260 -4.00 4.17 -24.84
CA THR D 260 -3.58 5.16 -25.83
C THR D 260 -3.61 6.59 -25.32
N ASP D 261 -4.16 6.82 -24.12
CA ASP D 261 -4.24 8.17 -23.54
C ASP D 261 -3.75 8.12 -22.10
N PRO D 262 -2.45 7.87 -21.90
CA PRO D 262 -1.93 7.86 -20.52
C PRO D 262 -2.09 9.19 -19.81
N ILE D 263 -2.06 10.32 -20.53
CA ILE D 263 -2.23 11.62 -19.88
C ILE D 263 -3.61 11.70 -19.25
N ASP D 264 -4.65 11.29 -19.97
CA ASP D 264 -5.99 11.28 -19.40
C ASP D 264 -6.08 10.34 -18.21
N TYR D 265 -5.43 9.17 -18.31
CA TYR D 265 -5.45 8.21 -17.21
C TYR D 265 -4.85 8.83 -15.94
N VAL D 266 -3.71 9.51 -16.08
CA VAL D 266 -3.06 10.09 -14.91
C VAL D 266 -3.85 11.27 -14.37
N ASN D 267 -4.33 12.14 -15.28
CA ASN D 267 -4.94 13.39 -14.85
C ASN D 267 -6.40 13.19 -14.41
N LYS D 268 -7.25 12.75 -15.33
CA LYS D 268 -8.70 12.65 -15.09
C LYS D 268 -9.19 11.26 -15.49
N ARG D 269 -9.36 10.39 -14.50
CA ARG D 269 -10.07 9.12 -14.66
C ARG D 269 -10.70 8.80 -13.31
N THR D 270 -11.96 9.17 -13.15
CA THR D 270 -12.70 9.05 -11.90
C THR D 270 -13.82 8.04 -12.04
N PRO D 271 -14.41 7.61 -10.91
CA PRO D 271 -15.55 6.69 -10.98
C PRO D 271 -16.72 7.24 -11.77
N ARG D 272 -16.84 8.56 -11.89
CA ARG D 272 -17.93 9.14 -12.65
C ARG D 272 -17.91 8.68 -14.10
N ARG D 273 -16.73 8.43 -14.66
CA ARG D 273 -16.65 7.92 -16.03
C ARG D 273 -17.30 6.54 -16.13
N ALA D 274 -16.99 5.66 -15.17
CA ALA D 274 -17.63 4.33 -15.18
C ALA D 274 -19.13 4.44 -14.95
N ALA D 275 -19.55 5.36 -14.07
CA ALA D 275 -20.97 5.56 -13.83
C ALA D 275 -21.67 6.01 -15.11
N ALA D 276 -21.06 6.94 -15.84
CA ALA D 276 -21.65 7.40 -17.10
C ALA D 276 -21.70 6.30 -18.13
N LEU D 277 -20.65 5.49 -18.22
CA LEU D 277 -20.65 4.37 -19.16
C LEU D 277 -21.77 3.38 -18.84
N ILE D 278 -21.91 3.04 -17.56
CA ILE D 278 -22.97 2.11 -17.16
C ILE D 278 -24.34 2.70 -17.45
N SER D 279 -24.52 3.99 -17.16
CA SER D 279 -25.80 4.63 -17.44
C SER D 279 -26.12 4.62 -18.93
N LEU D 280 -25.12 4.88 -19.77
CA LEU D 280 -25.33 4.87 -21.21
C LEU D 280 -25.70 3.47 -21.69
N THR D 281 -25.00 2.44 -21.19
CA THR D 281 -25.31 1.08 -21.59
C THR D 281 -26.73 0.70 -21.18
N TRP D 282 -27.12 1.05 -19.95
CA TRP D 282 -28.48 0.74 -19.51
C TRP D 282 -29.51 1.52 -20.30
N LEU D 283 -29.21 2.77 -20.66
CA LEU D 283 -30.13 3.56 -21.48
C LEU D 283 -30.33 2.91 -22.84
N ILE D 284 -29.24 2.44 -23.45
CA ILE D 284 -29.37 1.75 -24.74
C ILE D 284 -30.20 0.48 -24.57
N GLY D 285 -29.93 -0.29 -23.54
CA GLY D 285 -30.71 -1.50 -23.30
C GLY D 285 -32.19 -1.21 -23.15
N PHE D 286 -32.53 -0.16 -22.39
CA PHE D 286 -33.92 0.23 -22.24
C PHE D 286 -34.51 0.66 -23.58
N LEU D 287 -33.76 1.45 -24.35
CA LEU D 287 -34.27 1.91 -25.64
C LEU D 287 -34.51 0.74 -26.59
N ILE D 288 -33.80 -0.37 -26.40
CA ILE D 288 -34.03 -1.53 -27.25
C ILE D 288 -35.19 -2.41 -26.76
N SER D 289 -35.67 -2.19 -25.53
CA SER D 289 -36.68 -3.05 -24.93
C SER D 289 -38.08 -2.45 -24.92
N ILE D 290 -38.20 -1.14 -24.73
CA ILE D 290 -39.50 -0.48 -24.62
C ILE D 290 -40.24 -0.33 -25.95
N PRO D 291 -39.54 -0.09 -27.06
CA PRO D 291 -40.25 0.15 -28.34
C PRO D 291 -41.31 -0.89 -28.62
N PRO D 292 -40.98 -2.18 -28.61
CA PRO D 292 -42.01 -3.18 -28.95
C PRO D 292 -43.20 -3.15 -28.02
N MET D 293 -43.01 -2.86 -26.73
CA MET D 293 -44.14 -2.71 -25.84
C MET D 293 -44.97 -1.50 -26.20
N LEU D 294 -44.33 -0.39 -26.55
CA LEU D 294 -45.04 0.82 -26.94
C LEU D 294 -45.54 0.77 -28.38
N GLY D 295 -45.11 -0.21 -29.17
CA GLY D 295 -45.54 -0.32 -30.54
C GLY D 295 -46.82 -1.12 -30.69
N ASP D 306 -49.53 -20.11 -28.24
CA ASP D 306 -49.07 -20.58 -26.93
C ASP D 306 -47.55 -20.51 -26.82
N ALA D 307 -46.91 -19.88 -27.79
CA ALA D 307 -45.46 -19.73 -27.83
C ALA D 307 -45.09 -18.29 -27.53
N CYS D 308 -44.16 -18.10 -26.59
CA CYS D 308 -43.72 -16.76 -26.20
C CYS D 308 -42.54 -16.34 -27.08
N THR D 309 -42.84 -16.07 -28.33
CA THR D 309 -41.84 -15.70 -29.32
C THR D 309 -41.70 -14.19 -29.40
N ILE D 310 -40.46 -13.73 -29.56
CA ILE D 310 -40.19 -12.31 -29.67
C ILE D 310 -40.73 -11.79 -31.00
N SER D 311 -41.05 -10.49 -31.03
CA SER D 311 -41.57 -9.89 -32.25
C SER D 311 -40.57 -10.07 -33.39
N LYS D 312 -41.09 -10.38 -34.58
CA LYS D 312 -40.28 -10.67 -35.75
C LYS D 312 -40.51 -9.65 -36.86
N ASP D 313 -40.87 -8.43 -36.50
CA ASP D 313 -41.03 -7.38 -37.51
C ASP D 313 -39.68 -7.07 -38.17
N HIS D 314 -39.71 -6.92 -39.49
CA HIS D 314 -38.46 -6.73 -40.23
C HIS D 314 -37.72 -5.49 -39.76
N GLY D 315 -38.40 -4.34 -39.72
CA GLY D 315 -37.74 -3.12 -39.29
C GLY D 315 -37.26 -3.19 -37.86
N TYR D 316 -38.13 -3.65 -36.95
CA TYR D 316 -37.74 -3.79 -35.56
C TYR D 316 -36.61 -4.80 -35.43
N THR D 317 -36.68 -5.92 -36.16
CA THR D 317 -35.64 -6.93 -36.08
C THR D 317 -34.28 -6.35 -36.47
N ILE D 318 -34.23 -5.69 -37.63
CA ILE D 318 -32.95 -5.14 -38.10
C ILE D 318 -32.45 -4.07 -37.14
N TYR D 319 -33.35 -3.19 -36.67
CA TYR D 319 -32.93 -2.14 -35.75
C TYR D 319 -32.36 -2.73 -34.46
N SER D 320 -33.06 -3.70 -33.87
CA SER D 320 -32.60 -4.29 -32.62
C SER D 320 -31.27 -5.01 -32.81
N THR D 321 -31.14 -5.79 -33.89
CA THR D 321 -29.89 -6.51 -34.11
C THR D 321 -28.73 -5.55 -34.32
N PHE D 322 -28.94 -4.51 -35.13
CA PHE D 322 -27.84 -3.57 -35.39
C PHE D 322 -27.48 -2.77 -34.15
N GLY D 323 -28.46 -2.47 -33.29
CA GLY D 323 -28.16 -1.74 -32.07
C GLY D 323 -27.63 -2.60 -30.95
N ALA D 324 -27.79 -3.92 -31.03
CA ALA D 324 -27.38 -4.82 -29.96
C ALA D 324 -26.07 -5.53 -30.25
N PHE D 325 -25.85 -6.02 -31.48
CA PHE D 325 -24.67 -6.84 -31.77
C PHE D 325 -23.77 -6.22 -32.82
N TYR D 326 -24.30 -5.83 -33.98
CA TYR D 326 -23.44 -5.44 -35.09
C TYR D 326 -22.71 -4.13 -34.82
N ILE D 327 -23.38 -3.12 -34.29
CA ILE D 327 -22.75 -1.85 -34.00
C ILE D 327 -21.64 -2.08 -32.97
N PRO D 328 -21.95 -2.66 -31.81
CA PRO D 328 -20.87 -2.98 -30.85
C PRO D 328 -19.83 -3.94 -31.40
N LEU D 329 -20.22 -4.85 -32.30
CA LEU D 329 -19.25 -5.76 -32.89
C LEU D 329 -18.12 -4.99 -33.56
N LEU D 330 -18.47 -4.04 -34.45
CA LEU D 330 -17.45 -3.27 -35.15
C LEU D 330 -16.76 -2.29 -34.20
N LEU D 331 -17.51 -1.65 -33.31
CA LEU D 331 -16.92 -0.70 -32.38
C LEU D 331 -15.95 -1.39 -31.41
N MET D 332 -16.06 -2.71 -31.27
CA MET D 332 -15.17 -3.50 -30.43
C MET D 332 -13.99 -4.03 -31.22
N LEU D 333 -14.25 -4.49 -32.45
CA LEU D 333 -13.18 -4.98 -33.32
C LEU D 333 -12.18 -3.86 -33.60
N VAL D 334 -12.67 -2.67 -33.91
CA VAL D 334 -11.77 -1.55 -34.21
C VAL D 334 -10.92 -1.21 -32.98
N LEU D 335 -11.56 -1.18 -31.81
CA LEU D 335 -10.83 -0.78 -30.60
C LEU D 335 -9.75 -1.79 -30.25
N TYR D 336 -10.06 -3.09 -30.28
CA TYR D 336 -9.00 -4.07 -30.02
C TYR D 336 -7.96 -4.12 -31.14
N GLY D 337 -8.33 -3.80 -32.38
CA GLY D 337 -7.31 -3.69 -33.41
C GLY D 337 -6.34 -2.57 -33.12
N ARG D 338 -6.85 -1.40 -32.72
CA ARG D 338 -5.97 -0.29 -32.35
C ARG D 338 -5.12 -0.65 -31.13
N ILE D 339 -5.72 -1.34 -30.15
CA ILE D 339 -4.96 -1.74 -28.97
C ILE D 339 -3.84 -2.71 -29.34
N PHE D 340 -4.14 -3.65 -30.23
CA PHE D 340 -3.12 -4.59 -30.70
C PHE D 340 -1.99 -3.86 -31.42
N ARG D 341 -2.34 -2.90 -32.27
CA ARG D 341 -1.31 -2.14 -32.97
C ARG D 341 -0.42 -1.39 -31.99
N ALA D 342 -1.03 -0.74 -30.99
CA ALA D 342 -0.25 -0.02 -29.99
C ALA D 342 0.64 -0.96 -29.20
N ALA D 343 0.11 -2.11 -28.80
CA ALA D 343 0.91 -3.08 -28.04
C ALA D 343 2.09 -3.58 -28.87
N ARG D 344 1.85 -3.88 -30.15
CA ARG D 344 2.95 -4.31 -31.01
C ARG D 344 3.99 -3.22 -31.15
N PHE D 345 3.55 -1.97 -31.33
CA PHE D 345 4.51 -0.87 -31.45
C PHE D 345 5.35 -0.76 -30.19
N ARG D 346 4.72 -0.88 -29.01
CA ARG D 346 5.47 -0.76 -27.77
C ARG D 346 6.44 -1.93 -27.57
N ILE D 347 6.00 -3.15 -27.91
CA ILE D 347 6.84 -4.31 -27.68
C ILE D 347 8.04 -4.32 -28.64
N ARG D 348 7.81 -4.03 -29.92
CA ARG D 348 8.89 -4.07 -30.89
C ARG D 348 9.97 -3.04 -30.55
N LYS D 349 9.56 -1.84 -30.16
CA LYS D 349 10.52 -0.79 -29.79
C LYS D 349 11.01 -0.99 -28.37
N LYS D 445 28.85 -11.57 -25.18
CA LYS D 445 28.13 -10.39 -24.73
C LYS D 445 26.94 -10.10 -25.64
N ASN D 446 27.19 -10.11 -26.95
CA ASN D 446 26.11 -9.85 -27.91
C ASN D 446 25.10 -10.98 -27.92
N GLU D 447 25.57 -12.23 -27.80
CA GLU D 447 24.66 -13.37 -27.87
C GLU D 447 23.65 -13.35 -26.74
N ARG D 448 24.09 -13.03 -25.53
CA ARG D 448 23.18 -13.01 -24.38
C ARG D 448 22.09 -11.97 -24.58
N ASN D 449 22.47 -10.75 -24.95
CA ASN D 449 21.48 -9.71 -25.16
C ASN D 449 20.53 -10.06 -26.29
N ALA D 450 21.06 -10.59 -27.39
CA ALA D 450 20.23 -10.93 -28.53
C ALA D 450 19.21 -12.01 -28.16
N GLU D 451 19.66 -13.06 -27.49
CA GLU D 451 18.75 -14.14 -27.12
C GLU D 451 17.71 -13.68 -26.11
N ALA D 452 18.13 -12.85 -25.13
CA ALA D 452 17.17 -12.33 -24.17
C ALA D 452 16.11 -11.49 -24.85
N LYS D 453 16.54 -10.60 -25.76
CA LYS D 453 15.58 -9.75 -26.47
C LYS D 453 14.63 -10.59 -27.31
N ARG D 454 15.15 -11.59 -28.03
CA ARG D 454 14.30 -12.43 -28.86
C ARG D 454 13.28 -13.18 -28.01
N LYS D 455 13.74 -13.77 -26.91
CA LYS D 455 12.83 -14.52 -26.05
C LYS D 455 11.74 -13.60 -25.50
N MET D 456 12.13 -12.43 -25.00
CA MET D 456 11.15 -11.50 -24.44
C MET D 456 10.13 -11.08 -25.49
N ALA D 457 10.61 -10.72 -26.68
CA ALA D 457 9.71 -10.26 -27.74
C ALA D 457 8.73 -11.36 -28.14
N LEU D 458 9.25 -12.58 -28.39
CA LEU D 458 8.37 -13.66 -28.79
C LEU D 458 7.36 -14.00 -27.70
N ALA D 459 7.81 -14.04 -26.44
CA ALA D 459 6.90 -14.35 -25.35
C ALA D 459 5.80 -13.31 -25.24
N ARG D 460 6.16 -12.03 -25.32
CA ARG D 460 5.15 -10.98 -25.20
C ARG D 460 4.18 -11.00 -26.37
N GLU D 461 4.69 -11.22 -27.59
CA GLU D 461 3.81 -11.31 -28.75
C GLU D 461 2.84 -12.48 -28.62
N ARG D 462 3.34 -13.64 -28.19
CA ARG D 462 2.46 -14.79 -28.02
C ARG D 462 1.42 -14.51 -26.94
N LYS D 463 1.83 -13.88 -25.83
CA LYS D 463 0.90 -13.59 -24.76
C LYS D 463 -0.22 -12.67 -25.24
N THR D 464 0.14 -11.56 -25.89
CA THR D 464 -0.88 -10.62 -26.35
C THR D 464 -1.78 -11.25 -27.39
N VAL D 465 -1.21 -12.02 -28.32
CA VAL D 465 -2.02 -12.66 -29.35
C VAL D 465 -3.01 -13.64 -28.72
N LYS D 466 -2.54 -14.44 -27.76
CA LYS D 466 -3.43 -15.39 -27.10
C LYS D 466 -4.55 -14.66 -26.36
N THR D 467 -4.21 -13.60 -25.63
CA THR D 467 -5.23 -12.88 -24.87
C THR D 467 -6.28 -12.29 -25.80
N LEU D 468 -5.84 -11.58 -26.85
CA LEU D 468 -6.80 -10.98 -27.78
C LEU D 468 -7.63 -12.04 -28.48
N GLY D 469 -6.99 -13.14 -28.89
CA GLY D 469 -7.72 -14.19 -29.56
C GLY D 469 -8.81 -14.79 -28.69
N ILE D 470 -8.47 -15.09 -27.43
CA ILE D 470 -9.48 -15.61 -26.51
C ILE D 470 -10.62 -14.61 -26.36
N ILE D 471 -10.27 -13.34 -26.07
CA ILE D 471 -11.29 -12.34 -25.79
C ILE D 471 -12.25 -12.20 -26.95
N MET D 472 -11.71 -12.10 -28.17
CA MET D 472 -12.58 -11.90 -29.33
C MET D 472 -13.32 -13.16 -29.72
N GLY D 473 -12.63 -14.31 -29.72
CA GLY D 473 -13.24 -15.53 -30.21
C GLY D 473 -14.36 -16.03 -29.32
N THR D 474 -14.21 -15.93 -27.99
CA THR D 474 -15.29 -16.34 -27.11
C THR D 474 -16.56 -15.56 -27.43
N PHE D 475 -16.45 -14.23 -27.46
CA PHE D 475 -17.60 -13.38 -27.74
C PHE D 475 -18.21 -13.71 -29.11
N ILE D 476 -17.35 -13.84 -30.12
CA ILE D 476 -17.84 -14.10 -31.48
C ILE D 476 -18.58 -15.43 -31.52
N LEU D 477 -17.88 -16.51 -31.20
CA LEU D 477 -18.46 -17.84 -31.30
C LEU D 477 -19.62 -18.07 -30.35
N CYS D 478 -19.82 -17.19 -29.35
CA CYS D 478 -20.96 -17.37 -28.45
C CYS D 478 -22.15 -16.50 -28.81
N TRP D 479 -21.97 -15.36 -29.48
CA TRP D 479 -23.10 -14.51 -29.88
C TRP D 479 -23.42 -14.54 -31.36
N LEU D 480 -22.43 -14.48 -32.24
CA LEU D 480 -22.69 -14.30 -33.67
C LEU D 480 -23.70 -15.29 -34.22
N PRO D 481 -23.64 -16.59 -33.93
CA PRO D 481 -24.66 -17.50 -34.48
C PRO D 481 -26.08 -17.11 -34.11
N PHE D 482 -26.30 -16.68 -32.87
CA PHE D 482 -27.64 -16.34 -32.42
C PHE D 482 -28.19 -15.15 -33.21
N PHE D 483 -27.39 -14.09 -33.34
CA PHE D 483 -27.86 -12.91 -34.05
C PHE D 483 -27.98 -13.18 -35.55
N ILE D 484 -27.12 -14.03 -36.10
CA ILE D 484 -27.26 -14.41 -37.50
C ILE D 484 -28.59 -15.14 -37.72
N VAL D 485 -28.93 -16.06 -36.82
CA VAL D 485 -30.21 -16.76 -36.93
C VAL D 485 -31.36 -15.78 -36.79
N ALA D 486 -31.26 -14.86 -35.82
CA ALA D 486 -32.34 -13.90 -35.60
C ALA D 486 -32.52 -12.98 -36.79
N LEU D 487 -31.44 -12.67 -37.51
CA LEU D 487 -31.50 -11.78 -38.66
C LEU D 487 -31.84 -12.52 -39.95
N VAL D 488 -31.71 -13.84 -39.99
CA VAL D 488 -32.04 -14.60 -41.19
C VAL D 488 -33.45 -15.15 -41.14
N LEU D 489 -33.84 -15.81 -40.04
CA LEU D 489 -35.13 -16.49 -39.98
C LEU D 489 -36.32 -15.60 -40.30
N PRO D 490 -36.48 -14.42 -39.69
CA PRO D 490 -37.70 -13.64 -39.94
C PRO D 490 -37.83 -13.16 -41.37
N PHE D 491 -36.75 -13.11 -42.15
CA PHE D 491 -36.79 -12.63 -43.52
C PHE D 491 -36.97 -13.74 -44.54
N CYS D 492 -37.10 -15.00 -44.10
CA CYS D 492 -37.38 -16.13 -44.99
C CYS D 492 -38.55 -16.91 -44.40
N GLU D 493 -39.77 -16.48 -44.75
CA GLU D 493 -40.96 -17.17 -44.27
C GLU D 493 -41.18 -18.50 -44.97
N SER D 494 -40.78 -18.61 -46.24
CA SER D 494 -40.98 -19.85 -46.97
C SER D 494 -40.19 -21.00 -46.35
N SER D 495 -38.95 -20.73 -45.94
CA SER D 495 -38.05 -21.75 -45.40
C SER D 495 -37.91 -21.51 -43.90
N CYS D 496 -38.66 -22.29 -43.11
CA CYS D 496 -38.61 -22.24 -41.66
C CYS D 496 -38.55 -23.65 -41.05
N HIS D 497 -37.95 -24.59 -41.78
CA HIS D 497 -37.88 -25.99 -41.36
C HIS D 497 -36.52 -26.33 -40.73
N MET D 498 -35.90 -25.37 -40.06
CA MET D 498 -34.61 -25.62 -39.44
C MET D 498 -34.76 -26.62 -38.29
N PRO D 499 -33.73 -27.43 -38.02
CA PRO D 499 -33.82 -28.38 -36.91
C PRO D 499 -34.02 -27.66 -35.58
N THR D 500 -34.82 -28.27 -34.72
CA THR D 500 -35.11 -27.66 -33.42
C THR D 500 -33.91 -27.68 -32.49
N LEU D 501 -33.12 -28.75 -32.52
CA LEU D 501 -31.99 -28.86 -31.60
C LEU D 501 -30.94 -27.80 -31.90
N LEU D 502 -30.68 -27.52 -33.18
CA LEU D 502 -29.71 -26.50 -33.53
C LEU D 502 -30.17 -25.12 -33.05
N GLY D 503 -31.45 -24.80 -33.26
CA GLY D 503 -31.96 -23.53 -32.79
C GLY D 503 -31.89 -23.40 -31.28
N ALA D 504 -32.24 -24.48 -30.57
CA ALA D 504 -32.17 -24.46 -29.11
C ALA D 504 -30.74 -24.24 -28.63
N ILE D 505 -29.78 -24.95 -29.23
CA ILE D 505 -28.39 -24.79 -28.84
C ILE D 505 -27.92 -23.37 -29.11
N ILE D 506 -28.26 -22.82 -30.28
CA ILE D 506 -27.83 -21.47 -30.63
C ILE D 506 -28.43 -20.46 -29.66
N ASN D 507 -29.71 -20.63 -29.33
CA ASN D 507 -30.35 -19.71 -28.38
C ASN D 507 -29.71 -19.81 -27.00
N TRP D 508 -29.39 -21.02 -26.56
CA TRP D 508 -28.83 -21.21 -25.23
C TRP D 508 -27.36 -20.82 -25.14
N LEU D 509 -26.67 -20.67 -26.27
CA LEU D 509 -25.29 -20.20 -26.22
C LEU D 509 -25.21 -18.80 -25.61
N GLY D 510 -26.12 -17.91 -26.01
CA GLY D 510 -26.13 -16.58 -25.44
C GLY D 510 -26.32 -16.59 -23.94
N TYR D 511 -27.24 -17.42 -23.44
CA TYR D 511 -27.43 -17.56 -22.01
C TYR D 511 -26.18 -18.12 -21.34
N SER D 512 -25.56 -19.13 -21.98
CA SER D 512 -24.36 -19.74 -21.42
C SER D 512 -23.20 -18.75 -21.33
N ASN D 513 -23.19 -17.71 -22.19
CA ASN D 513 -22.16 -16.69 -22.07
C ASN D 513 -22.19 -16.00 -20.71
N SER D 514 -23.31 -16.07 -19.99
CA SER D 514 -23.39 -15.38 -18.70
C SER D 514 -22.30 -15.86 -17.75
N LEU D 515 -21.98 -17.15 -17.77
CA LEU D 515 -20.95 -17.70 -16.91
C LEU D 515 -19.56 -17.64 -17.53
N LEU D 516 -19.43 -17.15 -18.76
CA LEU D 516 -18.14 -17.05 -19.44
C LEU D 516 -17.52 -15.67 -19.33
N ASN D 517 -18.33 -14.61 -19.37
CA ASN D 517 -17.78 -13.26 -19.29
C ASN D 517 -17.01 -13.02 -18.01
N PRO D 518 -17.51 -13.35 -16.81
CA PRO D 518 -16.70 -13.15 -15.61
C PRO D 518 -15.40 -13.93 -15.62
N VAL D 519 -15.41 -15.15 -16.18
CA VAL D 519 -14.19 -15.93 -16.27
C VAL D 519 -13.17 -15.21 -17.14
N ILE D 520 -13.61 -14.67 -18.28
CA ILE D 520 -12.69 -14.00 -19.18
C ILE D 520 -12.15 -12.72 -18.55
N TYR D 521 -13.02 -11.94 -17.90
CA TYR D 521 -12.67 -10.62 -17.42
C TYR D 521 -12.26 -10.58 -15.96
N ALA D 522 -12.87 -11.40 -15.11
CA ALA D 522 -12.69 -11.29 -13.66
C ALA D 522 -11.76 -12.34 -13.08
N TYR D 523 -11.96 -13.62 -13.42
CA TYR D 523 -11.20 -14.68 -12.78
C TYR D 523 -9.77 -14.78 -13.30
N PHE D 524 -9.56 -14.56 -14.61
CA PHE D 524 -8.26 -14.84 -15.19
C PHE D 524 -7.17 -13.93 -14.63
N ASN D 525 -7.44 -12.64 -14.49
CA ASN D 525 -6.40 -11.71 -14.08
C ASN D 525 -5.90 -12.06 -12.69
N LYS D 526 -4.58 -11.90 -12.46
CA LYS D 526 -3.86 -12.33 -11.25
C LYS D 526 -4.37 -11.58 -10.00
N ASP D 527 -4.73 -10.31 -10.12
CA ASP D 527 -5.12 -9.54 -8.95
C ASP D 527 -6.44 -10.06 -8.37
N PHE D 528 -7.40 -10.40 -9.23
CA PHE D 528 -8.70 -10.84 -8.75
C PHE D 528 -8.60 -12.19 -8.04
N GLN D 529 -7.82 -13.12 -8.58
CA GLN D 529 -7.67 -14.40 -7.89
C GLN D 529 -6.85 -14.24 -6.61
N ASN D 530 -5.91 -13.28 -6.59
CA ASN D 530 -5.22 -12.98 -5.34
C ASN D 530 -6.19 -12.46 -4.29
N ALA D 531 -7.13 -11.61 -4.69
CA ALA D 531 -8.17 -11.15 -3.78
C ALA D 531 -9.03 -12.31 -3.30
N PHE D 532 -9.37 -13.23 -4.22
CA PHE D 532 -10.13 -14.41 -3.84
C PHE D 532 -9.37 -15.23 -2.79
N LYS D 533 -8.07 -15.42 -3.00
CA LYS D 533 -7.25 -16.15 -2.03
C LYS D 533 -7.25 -15.43 -0.68
N LYS D 534 -7.11 -14.10 -0.70
CA LYS D 534 -7.06 -13.35 0.54
C LYS D 534 -8.37 -13.48 1.31
N ILE D 535 -9.50 -13.35 0.62
CA ILE D 535 -10.79 -13.45 1.30
C ILE D 535 -11.03 -14.87 1.78
N ILE D 536 -10.62 -15.87 1.00
CA ILE D 536 -10.78 -17.27 1.39
C ILE D 536 -9.90 -17.56 2.60
#